data_8WEB
#
_entry.id   8WEB
#
_cell.length_a   62.127
_cell.length_b   107.889
_cell.length_c   164.305
_cell.angle_alpha   90.00
_cell.angle_beta   90.00
_cell.angle_gamma   90.00
#
_symmetry.space_group_name_H-M   'P 21 21 21'
#
loop_
_entity.id
_entity.type
_entity.pdbx_description
1 polymer 'MDIS1-interacting receptor like kinase 2'
2 branched 2-acetamido-2-deoxy-beta-D-glucopyranose-(1-4)-2-acetamido-2-deoxy-beta-D-glucopyranose
3 non-polymer 2-acetamido-2-deoxy-beta-D-glucopyranose
4 water water
#
_entity_poly.entity_id   1
_entity_poly.type   'polypeptide(L)'
_entity_poly.pdbx_seq_one_letter_code
;MNKTNPERKISLTSFKERMACKEKPRDLQVLLIISIVLSCSFAVSATVEEANALLKWKSTFTNQTSSSKLSSWVNPNTSS
FCTSWYGVACSLGSIIRLNLTNTGIEGTFEDFPFSSLPNLTFVDLSMNRFSGTISPEWGRFSKLEYFDLSINQLVGEIPP
ELGKLSNLDTLHLVENKLNGSIPSEIGRLTKVTEIAIYDNLLTGPIPSSFGNLTKLVNLYLFINSLSGSIPSEIGNLPNL
RELCLDRNNLTGKIPSSFGNLKNVTLLNMFENQLSGEIPPEIGNMTALDTLSLHTNKLTGPIPSTLGNIKTLAVLHLYLN
QLNGSIPPELGEMESMIDLEISENKLTGPVPDSFGKLTALEWLFLRDNQLSGPIPPGIANSTELTVLQLDTNNFTGFLPD
TICRGGKLENLTLDDNHFEGPVPKSLRDCKSLIRVRFKGNSFSGDISEAFGVYPTLNFIDLSNNNFHGQLSANWEQSQKL
VAFILSNNSITGAIPPEIWNMTQLSQLDLSSNRITGELPESISNINRISKLQLNGNRLSGKIPSGIRLLTNLEYLDLSSN
RFSFEIPPTLNNLPRLYYMNLSRNDLDQTIPEGLTKLSQLQMLDLSYNQLDGEISSQFRSLQNLERLDLSHNNLSGQIPP
SFKDMLALTHVDVSHNNLQGPIPDNAAFRNAPPDAFEGNKDLCGSVNTTQGLKPCSITSSEFHHHHHHHHHH
;
_entity_poly.pdbx_strand_id   A
#
loop_
_chem_comp.id
_chem_comp.type
_chem_comp.name
_chem_comp.formula
NAG D-saccharide, beta linking 2-acetamido-2-deoxy-beta-D-glucopyranose 'C8 H15 N O6'
#
# COMPACT_ATOMS: atom_id res chain seq x y z
N THR A 47 4.70 27.80 -48.22
CA THR A 47 4.88 29.03 -49.04
C THR A 47 5.93 29.90 -48.35
N VAL A 48 6.53 30.83 -49.09
CA VAL A 48 7.52 31.74 -48.54
C VAL A 48 6.94 32.52 -47.36
N GLU A 49 5.68 32.93 -47.47
CA GLU A 49 5.09 33.69 -46.36
C GLU A 49 4.86 32.82 -45.13
N GLU A 50 4.42 31.57 -45.29
CA GLU A 50 4.31 30.74 -44.08
C GLU A 50 5.68 30.49 -43.44
N ALA A 51 6.68 30.21 -44.27
CA ALA A 51 8.02 29.90 -43.76
C ALA A 51 8.63 31.11 -43.06
N ASN A 52 8.53 32.31 -43.68
CA ASN A 52 9.05 33.50 -43.01
C ASN A 52 8.37 33.73 -41.67
N ALA A 53 7.06 33.49 -41.57
CA ALA A 53 6.36 33.69 -40.31
C ALA A 53 6.81 32.68 -39.25
N LEU A 54 7.00 31.41 -39.64
CA LEU A 54 7.50 30.44 -38.68
C LEU A 54 8.93 30.76 -38.26
N LEU A 55 9.73 31.34 -39.16
CA LEU A 55 11.08 31.76 -38.76
C LEU A 55 11.02 32.86 -37.69
N LYS A 56 10.13 33.83 -37.85
CA LYS A 56 10.00 34.87 -36.84
C LYS A 56 9.59 34.30 -35.50
N TRP A 57 8.66 33.33 -35.49
CA TRP A 57 8.33 32.68 -34.24
C TRP A 57 9.54 31.96 -33.65
N LYS A 58 10.30 31.27 -34.50
CA LYS A 58 11.49 30.56 -34.03
C LYS A 58 12.49 31.52 -33.41
N SER A 59 12.68 32.71 -34.02
CA SER A 59 13.66 33.63 -33.46
C SER A 59 13.34 34.02 -32.02
N THR A 60 12.11 33.79 -31.56
CA THR A 60 11.73 34.15 -30.19
C THR A 60 12.05 33.05 -29.19
N PHE A 61 12.40 31.84 -29.62
CA PHE A 61 12.66 30.77 -28.67
C PHE A 61 13.91 31.08 -27.85
N THR A 62 13.94 30.58 -26.61
CA THR A 62 15.09 30.80 -25.74
C THR A 62 15.81 29.50 -25.42
N ASN A 63 17.09 29.65 -25.09
CA ASN A 63 17.89 28.51 -24.61
C ASN A 63 17.99 27.41 -25.65
N GLN A 64 18.23 27.79 -26.91
CA GLN A 64 18.24 26.88 -28.04
C GLN A 64 19.68 26.42 -28.33
N THR A 65 19.88 25.10 -28.48
CA THR A 65 21.18 24.47 -28.29
C THR A 65 22.04 24.40 -29.54
N SER A 66 21.51 24.71 -30.72
CA SER A 66 22.21 24.66 -32.01
C SER A 66 22.50 23.23 -32.46
N SER A 67 22.20 22.24 -31.64
CA SER A 67 21.99 20.88 -32.07
C SER A 67 20.51 20.65 -32.28
N SER A 68 19.73 21.73 -32.17
CA SER A 68 18.31 21.66 -32.42
C SER A 68 18.05 21.08 -33.81
N LYS A 69 16.98 20.27 -33.90
CA LYS A 69 16.46 19.89 -35.20
C LYS A 69 16.12 21.11 -36.05
N LEU A 70 15.71 22.20 -35.40
CA LEU A 70 15.32 23.40 -36.15
C LEU A 70 16.50 24.09 -36.83
N SER A 71 17.73 23.54 -36.73
CA SER A 71 18.83 23.95 -37.60
C SER A 71 18.41 23.94 -39.06
N SER A 72 17.47 23.07 -39.41
CA SER A 72 17.06 22.88 -40.80
C SER A 72 16.12 23.96 -41.29
N TRP A 73 15.64 24.84 -40.39
CA TRP A 73 14.76 25.96 -40.76
C TRP A 73 15.63 27.12 -41.24
N VAL A 74 16.02 27.09 -42.51
CA VAL A 74 16.82 28.19 -43.04
C VAL A 74 16.20 28.88 -44.26
N ASN A 75 16.02 28.13 -45.35
CA ASN A 75 15.60 28.69 -46.64
C ASN A 75 14.08 28.68 -46.73
N PRO A 76 13.40 29.83 -46.71
CA PRO A 76 11.92 29.84 -46.77
C PRO A 76 11.34 29.39 -48.10
N ASN A 77 12.13 29.25 -49.15
CA ASN A 77 11.56 28.80 -50.40
C ASN A 77 11.01 27.39 -50.26
N THR A 78 9.95 27.13 -51.03
CA THR A 78 9.54 25.75 -51.22
C THR A 78 10.76 24.99 -51.79
N SER A 79 10.72 23.68 -51.66
CA SER A 79 11.82 22.78 -52.00
C SER A 79 12.91 22.89 -50.95
N SER A 80 12.77 23.84 -50.05
CA SER A 80 13.39 23.71 -48.75
C SER A 80 12.32 23.55 -47.67
N PHE A 81 11.38 24.49 -47.64
CA PHE A 81 10.32 24.50 -46.63
C PHE A 81 9.53 23.20 -46.65
N CYS A 82 9.15 22.73 -47.84
CA CYS A 82 8.28 21.57 -47.88
C CYS A 82 9.05 20.25 -47.96
N THR A 83 10.38 20.29 -47.96
CA THR A 83 11.06 19.00 -48.07
C THR A 83 12.06 18.78 -46.93
N SER A 84 12.65 19.84 -46.38
CA SER A 84 13.77 19.66 -45.44
C SER A 84 13.58 20.37 -44.10
N TRP A 85 12.55 21.21 -43.94
CA TRP A 85 12.37 21.82 -42.61
C TRP A 85 11.81 20.79 -41.64
N TYR A 86 12.52 20.54 -40.55
CA TYR A 86 12.08 19.54 -39.58
C TYR A 86 10.65 19.85 -39.11
N GLY A 87 9.80 18.82 -39.11
CA GLY A 87 8.46 18.95 -38.51
C GLY A 87 7.42 19.60 -39.40
N VAL A 88 7.77 19.96 -40.63
CA VAL A 88 6.87 20.67 -41.55
C VAL A 88 6.47 19.68 -42.64
N ALA A 89 5.18 19.51 -42.87
CA ALA A 89 4.72 18.80 -44.06
C ALA A 89 3.68 19.64 -44.78
N CYS A 90 3.73 19.61 -46.12
CA CYS A 90 2.94 20.51 -46.95
C CYS A 90 2.00 19.72 -47.84
N SER A 91 1.01 20.44 -48.38
CA SER A 91 0.21 20.02 -49.51
C SER A 91 0.19 21.16 -50.53
N LEU A 92 0.58 20.87 -51.77
CA LEU A 92 0.59 21.90 -52.82
C LEU A 92 1.33 23.14 -52.36
N GLY A 93 2.49 22.94 -51.74
CA GLY A 93 3.35 24.04 -51.37
C GLY A 93 2.92 24.79 -50.12
N SER A 94 1.87 24.35 -49.43
CA SER A 94 1.39 25.01 -48.22
C SER A 94 1.46 24.07 -47.01
N ILE A 95 1.84 24.60 -45.83
CA ILE A 95 2.01 23.72 -44.69
C ILE A 95 0.66 23.27 -44.17
N ILE A 96 0.49 21.96 -44.00
CA ILE A 96 -0.72 21.40 -43.39
C ILE A 96 -0.44 20.66 -42.09
N ARG A 97 0.80 20.30 -41.82
CA ARG A 97 1.17 19.58 -40.60
C ARG A 97 2.40 20.26 -39.97
N LEU A 98 2.32 20.56 -38.67
CA LEU A 98 3.47 21.07 -37.92
C LEU A 98 3.68 20.15 -36.72
N ASN A 99 4.76 19.36 -36.75
CA ASN A 99 4.99 18.38 -35.70
C ASN A 99 6.34 18.63 -35.05
N LEU A 100 6.34 19.37 -33.95
CA LEU A 100 7.58 19.64 -33.23
C LEU A 100 7.56 18.98 -31.85
N THR A 101 6.95 17.80 -31.75
CA THR A 101 6.94 17.12 -30.47
C THR A 101 8.37 16.82 -30.01
N ASN A 102 8.61 17.06 -28.73
CA ASN A 102 9.84 16.60 -28.06
C ASN A 102 11.09 17.09 -28.79
N THR A 103 11.13 18.36 -29.09
CA THR A 103 12.26 18.97 -29.77
C THR A 103 13.00 20.01 -28.94
N GLY A 104 12.72 20.10 -27.63
CA GLY A 104 13.46 20.95 -26.73
C GLY A 104 13.23 22.42 -26.95
N ILE A 105 12.07 22.78 -27.46
CA ILE A 105 11.74 24.18 -27.70
C ILE A 105 11.34 24.81 -26.37
N GLU A 106 11.88 25.98 -26.08
CA GLU A 106 11.43 26.75 -24.94
C GLU A 106 10.99 28.13 -25.44
N GLY A 107 9.78 28.50 -25.09
CA GLY A 107 9.21 29.74 -25.60
C GLY A 107 7.73 29.79 -25.26
N THR A 108 7.01 30.62 -26.01
CA THR A 108 5.57 30.74 -25.85
C THR A 108 4.95 30.78 -27.25
N PHE A 109 3.63 30.90 -27.27
CA PHE A 109 2.88 31.02 -28.52
C PHE A 109 2.50 32.47 -28.80
N GLU A 110 3.02 33.41 -28.00
CA GLU A 110 2.73 34.82 -28.23
C GLU A 110 2.98 35.25 -29.68
N ASP A 111 4.07 34.79 -30.28
CA ASP A 111 4.37 35.14 -31.67
C ASP A 111 4.16 33.99 -32.64
N PHE A 112 3.39 32.98 -32.24
CA PHE A 112 2.98 31.95 -33.17
C PHE A 112 2.20 32.60 -34.31
N PRO A 113 2.44 32.25 -35.53
CA PRO A 113 1.86 33.05 -36.65
C PRO A 113 0.44 32.63 -37.01
N PHE A 114 -0.53 32.94 -36.13
CA PHE A 114 -1.89 32.46 -36.36
C PHE A 114 -2.41 32.89 -37.73
N SER A 115 -2.15 34.11 -38.11
CA SER A 115 -2.78 34.56 -39.34
C SER A 115 -2.01 34.13 -40.60
N SER A 116 -0.92 33.40 -40.48
CA SER A 116 -0.07 33.07 -41.63
C SER A 116 -0.13 31.62 -42.06
N LEU A 117 -0.85 30.76 -41.33
CA LEU A 117 -0.84 29.31 -41.58
C LEU A 117 -2.26 28.81 -41.78
N PRO A 118 -2.97 29.29 -42.82
CA PRO A 118 -4.40 29.03 -42.92
C PRO A 118 -4.74 27.57 -43.08
N ASN A 119 -3.83 26.75 -43.60
CA ASN A 119 -4.18 25.37 -43.92
C ASN A 119 -3.73 24.40 -42.86
N LEU A 120 -3.35 24.89 -41.70
CA LEU A 120 -2.90 24.01 -40.63
C LEU A 120 -3.99 22.99 -40.30
N THR A 121 -3.63 21.74 -40.43
CA THR A 121 -4.54 20.61 -40.23
C THR A 121 -4.10 19.70 -39.09
N PHE A 122 -2.80 19.50 -38.91
CA PHE A 122 -2.30 18.64 -37.83
C PHE A 122 -1.24 19.43 -37.09
N VAL A 123 -1.43 19.60 -35.78
CA VAL A 123 -0.50 20.40 -34.98
C VAL A 123 -0.15 19.59 -33.75
N ASP A 124 1.13 19.29 -33.56
CA ASP A 124 1.59 18.56 -32.38
C ASP A 124 2.77 19.34 -31.82
N LEU A 125 2.54 20.10 -30.75
CA LEU A 125 3.63 20.83 -30.10
C LEU A 125 3.94 20.28 -28.70
N SER A 126 3.60 19.02 -28.46
CA SER A 126 3.71 18.38 -27.16
C SER A 126 5.17 18.11 -26.75
N MET A 127 5.37 17.96 -25.43
CA MET A 127 6.65 17.57 -24.85
C MET A 127 7.74 18.60 -25.16
N ASN A 128 7.44 19.86 -24.84
CA ASN A 128 8.36 20.97 -25.02
C ASN A 128 8.31 21.80 -23.74
N ARG A 129 8.85 23.00 -23.81
CA ARG A 129 8.84 23.94 -22.69
C ARG A 129 8.10 25.22 -23.11
N PHE A 130 6.95 25.06 -23.73
CA PHE A 130 6.06 26.17 -24.01
C PHE A 130 5.32 26.62 -22.76
N SER A 131 5.34 27.92 -22.50
CA SER A 131 4.70 28.50 -21.33
C SER A 131 3.70 29.53 -21.84
N GLY A 132 3.07 30.25 -20.92
CA GLY A 132 2.05 31.22 -21.28
C GLY A 132 0.70 30.53 -21.46
N THR A 133 -0.21 31.20 -22.20
CA THR A 133 -1.61 30.79 -22.27
C THR A 133 -1.95 30.26 -23.66
N ILE A 134 -3.18 29.76 -23.79
CA ILE A 134 -3.71 29.26 -25.05
C ILE A 134 -4.60 30.36 -25.60
N SER A 135 -4.16 30.97 -26.67
CA SER A 135 -4.85 32.11 -27.24
C SER A 135 -6.20 31.72 -27.87
N PRO A 136 -7.19 32.60 -27.82
CA PRO A 136 -8.40 32.40 -28.65
C PRO A 136 -8.11 32.20 -30.13
N GLU A 137 -6.98 32.75 -30.62
CA GLU A 137 -6.64 32.66 -32.04
C GLU A 137 -6.40 31.23 -32.53
N TRP A 138 -6.09 30.27 -31.64
CA TRP A 138 -6.01 28.87 -32.08
C TRP A 138 -7.32 28.42 -32.73
N GLY A 139 -8.46 29.02 -32.36
CA GLY A 139 -9.73 28.64 -32.96
C GLY A 139 -9.96 29.13 -34.38
N ARG A 140 -9.01 29.85 -34.97
CA ARG A 140 -9.16 30.31 -36.34
C ARG A 140 -8.60 29.33 -37.36
N PHE A 141 -8.07 28.19 -36.92
CA PHE A 141 -7.52 27.21 -37.85
C PHE A 141 -8.65 26.30 -38.27
N SER A 142 -9.42 26.75 -39.26
CA SER A 142 -10.69 26.10 -39.55
C SER A 142 -10.48 24.64 -40.01
N LYS A 143 -9.32 24.31 -40.63
CA LYS A 143 -9.11 22.95 -41.08
C LYS A 143 -8.57 22.02 -40.01
N LEU A 144 -8.27 22.49 -38.82
CA LEU A 144 -7.54 21.66 -37.88
C LEU A 144 -8.32 20.38 -37.52
N GLU A 145 -7.65 19.25 -37.60
CA GLU A 145 -8.18 17.95 -37.23
C GLU A 145 -7.53 17.37 -35.98
N TYR A 146 -6.27 17.71 -35.74
CA TYR A 146 -5.49 17.10 -34.69
C TYR A 146 -4.75 18.21 -33.98
N PHE A 147 -4.97 18.33 -32.67
CA PHE A 147 -4.45 19.47 -31.91
C PHE A 147 -3.87 18.98 -30.61
N ASP A 148 -2.53 19.03 -30.45
CA ASP A 148 -1.88 18.51 -29.24
C ASP A 148 -0.86 19.53 -28.71
N LEU A 149 -1.15 20.12 -27.54
CA LEU A 149 -0.24 20.98 -26.80
C LEU A 149 0.14 20.38 -25.46
N SER A 150 0.04 19.05 -25.33
CA SER A 150 0.23 18.38 -24.02
C SER A 150 1.68 18.50 -23.56
N ILE A 151 1.89 18.29 -22.25
CA ILE A 151 3.22 18.12 -21.67
C ILE A 151 4.07 19.36 -22.00
N ASN A 152 3.57 20.49 -21.54
CA ASN A 152 4.18 21.78 -21.68
C ASN A 152 4.00 22.44 -20.32
N GLN A 153 4.25 23.73 -20.24
CA GLN A 153 4.02 24.46 -19.00
C GLN A 153 2.99 25.55 -19.23
N LEU A 154 1.94 25.21 -19.96
CA LEU A 154 0.86 26.15 -20.24
C LEU A 154 -0.04 26.41 -19.02
N VAL A 155 -0.56 27.65 -18.92
CA VAL A 155 -1.36 28.14 -17.79
C VAL A 155 -2.61 28.82 -18.35
N GLY A 156 -3.51 29.22 -17.43
CA GLY A 156 -4.68 29.97 -17.81
C GLY A 156 -5.80 29.07 -18.32
N GLU A 157 -6.89 29.70 -18.74
CA GLU A 157 -8.09 28.94 -19.05
C GLU A 157 -8.10 28.47 -20.50
N ILE A 158 -8.90 27.44 -20.76
CA ILE A 158 -9.12 26.98 -22.14
C ILE A 158 -10.04 27.99 -22.81
N PRO A 159 -9.67 28.61 -23.93
CA PRO A 159 -10.59 29.60 -24.51
C PRO A 159 -11.77 28.90 -25.15
N PRO A 160 -12.96 29.52 -25.07
CA PRO A 160 -14.14 28.93 -25.73
C PRO A 160 -13.94 28.80 -27.22
N GLU A 161 -13.08 29.63 -27.80
CA GLU A 161 -12.82 29.60 -29.24
C GLU A 161 -12.30 28.25 -29.73
N LEU A 162 -11.71 27.42 -28.86
CA LEU A 162 -11.36 26.08 -29.36
C LEU A 162 -12.59 25.37 -29.94
N GLY A 163 -13.78 25.68 -29.43
CA GLY A 163 -15.02 25.12 -29.96
C GLY A 163 -15.32 25.49 -31.40
N LYS A 164 -14.60 26.46 -31.97
CA LYS A 164 -14.80 26.80 -33.37
C LYS A 164 -14.15 25.79 -34.32
N LEU A 165 -13.37 24.85 -33.78
CA LEU A 165 -12.59 23.92 -34.62
C LEU A 165 -13.50 22.77 -35.09
N SER A 166 -14.36 23.09 -36.05
CA SER A 166 -15.47 22.20 -36.34
C SER A 166 -14.99 20.88 -36.95
N ASN A 167 -13.78 20.84 -37.50
CA ASN A 167 -13.21 19.64 -38.07
C ASN A 167 -12.34 18.83 -37.11
N LEU A 168 -12.20 19.27 -35.86
CA LEU A 168 -11.28 18.60 -34.94
C LEU A 168 -11.70 17.17 -34.67
N ASP A 169 -10.76 16.25 -34.80
CA ASP A 169 -10.94 14.85 -34.45
C ASP A 169 -10.33 14.51 -33.09
N THR A 170 -9.19 15.11 -32.76
CA THR A 170 -8.50 14.82 -31.51
C THR A 170 -8.08 16.12 -30.87
N LEU A 171 -8.44 16.30 -29.57
CA LEU A 171 -7.95 17.41 -28.76
C LEU A 171 -7.17 16.90 -27.56
N HIS A 172 -5.88 17.23 -27.49
CA HIS A 172 -5.03 16.78 -26.41
C HIS A 172 -4.37 17.99 -25.77
N LEU A 173 -4.64 18.22 -24.48
CA LEU A 173 -4.01 19.30 -23.72
C LEU A 173 -3.51 18.80 -22.34
N VAL A 174 -3.08 17.56 -22.28
CA VAL A 174 -2.81 16.94 -20.98
C VAL A 174 -1.52 17.48 -20.40
N GLU A 175 -1.41 17.34 -19.06
CA GLU A 175 -0.14 17.59 -18.35
C GLU A 175 0.35 19.01 -18.59
N ASN A 176 -0.53 19.95 -18.31
CA ASN A 176 -0.24 21.38 -18.30
C ASN A 176 -0.73 21.89 -16.96
N LYS A 177 -0.78 23.21 -16.77
CA LYS A 177 -1.39 23.75 -15.56
C LYS A 177 -2.61 24.60 -15.90
N LEU A 178 -3.41 24.12 -16.85
CA LEU A 178 -4.61 24.84 -17.25
C LEU A 178 -5.62 24.90 -16.12
N ASN A 179 -6.25 26.05 -15.96
CA ASN A 179 -7.21 26.22 -14.86
C ASN A 179 -8.54 26.79 -15.32
N GLY A 180 -9.42 27.15 -14.37
CA GLY A 180 -10.77 27.59 -14.70
C GLY A 180 -11.64 26.42 -15.12
N SER A 181 -12.84 26.76 -15.60
CA SER A 181 -13.83 25.79 -16.07
C SER A 181 -13.63 25.43 -17.55
N ILE A 182 -14.02 24.23 -17.92
CA ILE A 182 -14.06 23.84 -19.34
C ILE A 182 -15.17 24.67 -19.96
N PRO A 183 -14.91 25.46 -21.00
CA PRO A 183 -16.00 26.28 -21.55
C PRO A 183 -17.07 25.39 -22.23
N SER A 184 -18.33 25.81 -22.14
CA SER A 184 -19.39 25.00 -22.75
C SER A 184 -19.26 24.93 -24.27
N GLU A 185 -18.61 25.90 -24.90
CA GLU A 185 -18.43 25.87 -26.34
C GLU A 185 -17.59 24.68 -26.80
N ILE A 186 -16.86 23.99 -25.91
CA ILE A 186 -16.17 22.76 -26.33
C ILE A 186 -17.20 21.74 -26.85
N GLY A 187 -18.46 21.84 -26.42
CA GLY A 187 -19.53 20.97 -26.89
C GLY A 187 -19.93 21.19 -28.33
N ARG A 188 -19.38 22.21 -29.01
CA ARG A 188 -19.60 22.38 -30.44
C ARG A 188 -18.69 21.53 -31.32
N LEU A 189 -17.75 20.78 -30.75
CA LEU A 189 -16.82 19.97 -31.57
C LEU A 189 -17.50 18.67 -32.01
N THR A 190 -18.44 18.82 -32.97
CA THR A 190 -19.34 17.69 -33.22
C THR A 190 -18.64 16.54 -33.92
N LYS A 191 -17.41 16.71 -34.40
CA LYS A 191 -16.73 15.60 -35.02
C LYS A 191 -15.65 15.01 -34.11
N VAL A 192 -15.43 15.58 -32.93
CA VAL A 192 -14.31 15.14 -32.14
C VAL A 192 -14.56 13.72 -31.61
N THR A 193 -13.55 12.85 -31.72
CA THR A 193 -13.64 11.49 -31.18
C THR A 193 -12.81 11.27 -29.92
N GLU A 194 -11.84 12.12 -29.62
CA GLU A 194 -11.09 12.00 -28.35
C GLU A 194 -10.76 13.36 -27.78
N ILE A 195 -11.11 13.54 -26.51
CA ILE A 195 -10.75 14.71 -25.74
C ILE A 195 -9.94 14.23 -24.55
N ALA A 196 -8.72 14.73 -24.44
CA ALA A 196 -7.85 14.40 -23.29
C ALA A 196 -7.33 15.70 -22.71
N ILE A 197 -7.81 16.03 -21.51
CA ILE A 197 -7.31 17.18 -20.76
C ILE A 197 -6.89 16.78 -19.35
N TYR A 198 -6.49 15.53 -19.18
CA TYR A 198 -6.17 15.04 -17.85
C TYR A 198 -4.91 15.73 -17.33
N ASP A 199 -4.76 15.72 -15.99
CA ASP A 199 -3.58 16.24 -15.29
C ASP A 199 -3.37 17.73 -15.56
N ASN A 200 -4.34 18.50 -15.13
CA ASN A 200 -4.35 19.94 -15.24
C ASN A 200 -4.92 20.44 -13.91
N LEU A 201 -5.31 21.70 -13.86
CA LEU A 201 -5.89 22.28 -12.65
C LEU A 201 -7.31 22.77 -12.91
N LEU A 202 -8.05 22.03 -13.73
CA LEU A 202 -9.39 22.45 -14.09
C LEU A 202 -10.34 22.41 -12.91
N THR A 203 -11.26 23.38 -12.85
CA THR A 203 -12.31 23.45 -11.83
C THR A 203 -13.68 23.55 -12.53
N GLY A 204 -14.75 23.63 -11.71
CA GLY A 204 -16.09 23.80 -12.22
C GLY A 204 -16.64 22.48 -12.78
N PRO A 205 -17.88 22.49 -13.26
CA PRO A 205 -18.54 21.25 -13.67
C PRO A 205 -18.19 20.88 -15.10
N ILE A 206 -18.45 19.61 -15.41
CA ILE A 206 -18.35 19.14 -16.79
C ILE A 206 -19.55 19.74 -17.49
N PRO A 207 -19.38 20.49 -18.58
CA PRO A 207 -20.52 21.14 -19.24
C PRO A 207 -21.54 20.13 -19.75
N SER A 208 -22.81 20.48 -19.59
CA SER A 208 -23.92 19.74 -20.17
C SER A 208 -23.81 19.63 -21.68
N SER A 209 -23.22 20.64 -22.34
CA SER A 209 -23.03 20.61 -23.78
C SER A 209 -22.19 19.43 -24.24
N PHE A 210 -21.49 18.73 -23.35
CA PHE A 210 -20.74 17.55 -23.81
C PHE A 210 -21.66 16.48 -24.36
N GLY A 211 -22.95 16.54 -24.02
CA GLY A 211 -23.93 15.63 -24.60
C GLY A 211 -24.12 15.83 -26.10
N ASN A 212 -23.64 16.94 -26.66
CA ASN A 212 -23.70 17.18 -28.09
C ASN A 212 -22.49 16.61 -28.83
N LEU A 213 -21.55 15.98 -28.12
CA LEU A 213 -20.36 15.46 -28.79
C LEU A 213 -20.65 14.04 -29.29
N THR A 214 -21.49 13.98 -30.34
CA THR A 214 -22.06 12.71 -30.73
C THR A 214 -21.03 11.74 -31.28
N LYS A 215 -19.85 12.21 -31.69
CA LYS A 215 -18.84 11.27 -32.19
C LYS A 215 -17.79 10.92 -31.13
N LEU A 216 -17.95 11.43 -29.91
CA LEU A 216 -16.95 11.19 -28.87
C LEU A 216 -16.83 9.71 -28.53
N VAL A 217 -15.59 9.20 -28.58
CA VAL A 217 -15.27 7.83 -28.24
C VAL A 217 -14.55 7.74 -26.90
N ASN A 218 -13.51 8.55 -26.71
CA ASN A 218 -12.75 8.54 -25.44
C ASN A 218 -12.77 9.91 -24.78
N LEU A 219 -13.08 9.94 -23.49
CA LEU A 219 -13.11 11.21 -22.75
C LEU A 219 -12.25 11.05 -21.51
N TYR A 220 -11.10 11.74 -21.47
CA TYR A 220 -10.11 11.57 -20.40
C TYR A 220 -9.95 12.91 -19.68
N LEU A 221 -10.57 13.06 -18.50
CA LEU A 221 -10.50 14.29 -17.72
C LEU A 221 -9.91 14.05 -16.33
N PHE A 222 -9.25 12.92 -16.09
CA PHE A 222 -8.82 12.57 -14.74
C PHE A 222 -7.71 13.49 -14.27
N ILE A 223 -7.48 13.51 -12.94
CA ILE A 223 -6.46 14.34 -12.29
C ILE A 223 -6.72 15.82 -12.58
N ASN A 224 -7.84 16.30 -12.07
CA ASN A 224 -8.18 17.71 -12.13
C ASN A 224 -8.92 18.00 -10.83
N SER A 225 -9.56 19.15 -10.76
CA SER A 225 -10.44 19.45 -9.62
C SER A 225 -11.86 19.74 -10.08
N LEU A 226 -12.34 19.00 -11.08
CA LEU A 226 -13.70 19.18 -11.59
C LEU A 226 -14.69 18.91 -10.48
N SER A 227 -15.77 19.69 -10.46
CA SER A 227 -16.74 19.60 -9.36
C SER A 227 -18.17 19.55 -9.91
N GLY A 228 -19.16 19.66 -9.03
CA GLY A 228 -20.54 19.51 -9.43
C GLY A 228 -20.94 18.07 -9.76
N SER A 229 -22.20 17.94 -10.18
CA SER A 229 -22.70 16.64 -10.61
C SER A 229 -22.26 16.33 -12.01
N ILE A 230 -22.14 15.05 -12.29
CA ILE A 230 -21.91 14.61 -13.67
C ILE A 230 -23.16 14.92 -14.48
N PRO A 231 -23.08 15.64 -15.59
CA PRO A 231 -24.31 15.93 -16.34
C PRO A 231 -24.90 14.65 -16.94
N SER A 232 -26.23 14.49 -16.81
CA SER A 232 -26.90 13.30 -17.34
C SER A 232 -26.76 13.16 -18.86
N GLU A 233 -26.50 14.28 -19.59
CA GLU A 233 -26.33 14.22 -21.04
C GLU A 233 -25.16 13.34 -21.46
N ILE A 234 -24.15 13.15 -20.60
CA ILE A 234 -23.04 12.23 -20.89
C ILE A 234 -23.56 10.84 -21.19
N GLY A 235 -24.63 10.42 -20.52
CA GLY A 235 -25.10 9.07 -20.72
C GLY A 235 -25.68 8.82 -22.09
N ASN A 236 -25.90 9.87 -22.88
CA ASN A 236 -26.50 9.74 -24.19
C ASN A 236 -25.48 9.89 -25.32
N LEU A 237 -24.21 9.67 -25.04
CA LEU A 237 -23.19 9.63 -26.08
C LEU A 237 -23.11 8.22 -26.66
N PRO A 238 -23.66 7.97 -27.85
CA PRO A 238 -23.76 6.58 -28.32
C PRO A 238 -22.43 5.93 -28.62
N ASN A 239 -21.43 6.70 -29.08
CA ASN A 239 -20.17 6.10 -29.48
C ASN A 239 -19.15 6.03 -28.34
N LEU A 240 -19.51 6.47 -27.14
CA LEU A 240 -18.53 6.51 -26.08
C LEU A 240 -18.02 5.11 -25.74
N ARG A 241 -16.72 4.96 -25.66
CA ARG A 241 -16.10 3.70 -25.24
C ARG A 241 -15.35 3.80 -23.93
N GLU A 242 -14.62 4.90 -23.69
CA GLU A 242 -13.87 5.05 -22.45
C GLU A 242 -14.21 6.37 -21.79
N LEU A 243 -14.62 6.31 -20.54
CA LEU A 243 -15.00 7.49 -19.78
C LEU A 243 -14.19 7.48 -18.49
N CYS A 244 -13.22 8.38 -18.39
CA CYS A 244 -12.29 8.41 -17.25
C CYS A 244 -12.35 9.78 -16.57
N LEU A 245 -13.09 9.85 -15.46
CA LEU A 245 -13.31 11.06 -14.67
C LEU A 245 -12.74 10.93 -13.27
N ASP A 246 -11.93 9.91 -13.04
CA ASP A 246 -11.32 9.63 -11.74
C ASP A 246 -10.43 10.78 -11.31
N ARG A 247 -10.23 10.86 -9.97
CA ARG A 247 -9.30 11.81 -9.34
C ARG A 247 -9.68 13.26 -9.66
N ASN A 248 -10.91 13.58 -9.30
CA ASN A 248 -11.51 14.89 -9.43
C ASN A 248 -12.27 15.14 -8.12
N ASN A 249 -13.09 16.16 -8.08
CA ASN A 249 -13.93 16.43 -6.92
C ASN A 249 -15.40 16.41 -7.31
N LEU A 250 -15.81 15.46 -8.12
CA LEU A 250 -17.20 15.33 -8.52
C LEU A 250 -18.09 14.88 -7.35
N THR A 251 -19.28 15.49 -7.26
CA THR A 251 -20.27 15.19 -6.23
C THR A 251 -21.57 14.72 -6.90
N GLY A 252 -22.58 14.47 -6.07
CA GLY A 252 -23.87 14.04 -6.56
C GLY A 252 -23.91 12.58 -6.97
N LYS A 253 -25.05 12.18 -7.51
CA LYS A 253 -25.34 10.81 -7.89
C LYS A 253 -24.84 10.48 -9.29
N ILE A 254 -24.47 9.22 -9.49
CA ILE A 254 -24.15 8.75 -10.85
C ILE A 254 -25.44 8.78 -11.67
N PRO A 255 -25.47 9.40 -12.84
CA PRO A 255 -26.74 9.54 -13.56
C PRO A 255 -27.28 8.21 -14.01
N SER A 256 -28.60 8.06 -13.86
CA SER A 256 -29.24 6.83 -14.33
C SER A 256 -29.19 6.74 -15.85
N SER A 257 -28.92 7.85 -16.52
CA SER A 257 -28.76 7.84 -17.96
C SER A 257 -27.57 7.00 -18.40
N PHE A 258 -26.65 6.68 -17.47
CA PHE A 258 -25.48 5.89 -17.84
C PHE A 258 -25.86 4.52 -18.37
N GLY A 259 -27.05 4.02 -18.03
CA GLY A 259 -27.57 2.78 -18.59
C GLY A 259 -27.76 2.82 -20.10
N ASN A 260 -27.67 3.99 -20.73
CA ASN A 260 -27.71 4.06 -22.19
C ASN A 260 -26.33 3.92 -22.82
N LEU A 261 -25.29 3.83 -21.99
CA LEU A 261 -23.90 3.74 -22.48
C LEU A 261 -23.57 2.28 -22.81
N LYS A 262 -24.16 1.81 -23.91
CA LYS A 262 -24.07 0.42 -24.34
C LYS A 262 -22.69 0.05 -24.92
N ASN A 263 -21.86 1.01 -25.26
CA ASN A 263 -20.55 0.69 -25.81
C ASN A 263 -19.41 1.00 -24.86
N VAL A 264 -19.68 1.55 -23.68
CA VAL A 264 -18.58 1.89 -22.80
C VAL A 264 -17.98 0.60 -22.25
N THR A 265 -16.66 0.46 -22.45
CA THR A 265 -15.90 -0.68 -21.95
C THR A 265 -15.10 -0.34 -20.70
N LEU A 266 -14.82 0.95 -20.46
CA LEU A 266 -14.04 1.40 -19.33
C LEU A 266 -14.75 2.57 -18.69
N LEU A 267 -15.12 2.44 -17.41
CA LEU A 267 -15.74 3.55 -16.66
C LEU A 267 -14.92 3.71 -15.39
N ASN A 268 -14.05 4.73 -15.36
CA ASN A 268 -13.20 5.04 -14.21
C ASN A 268 -13.70 6.36 -13.59
N MET A 269 -14.24 6.29 -12.37
CA MET A 269 -14.66 7.48 -11.64
C MET A 269 -14.25 7.41 -10.17
N PHE A 270 -13.20 6.64 -9.88
CA PHE A 270 -12.67 6.48 -8.54
C PHE A 270 -12.04 7.80 -8.06
N GLU A 271 -11.93 7.92 -6.73
CA GLU A 271 -11.34 9.10 -6.08
C GLU A 271 -12.06 10.38 -6.53
N ASN A 272 -13.34 10.42 -6.22
CA ASN A 272 -14.21 11.56 -6.36
C ASN A 272 -15.02 11.62 -5.07
N GLN A 273 -16.06 12.41 -5.07
CA GLN A 273 -16.96 12.53 -3.94
C GLN A 273 -18.37 12.13 -4.32
N LEU A 274 -18.51 11.16 -5.21
CA LEU A 274 -19.83 10.73 -5.67
C LEU A 274 -20.63 10.16 -4.50
N SER A 275 -21.93 10.46 -4.50
CA SER A 275 -22.77 10.02 -3.38
C SER A 275 -24.06 9.36 -3.88
N GLY A 276 -24.99 9.05 -2.94
CA GLY A 276 -26.20 8.32 -3.26
C GLY A 276 -25.89 6.88 -3.63
N GLU A 277 -26.91 6.19 -4.16
CA GLU A 277 -26.72 4.78 -4.50
C GLU A 277 -26.28 4.64 -5.94
N ILE A 278 -25.56 3.56 -6.20
CA ILE A 278 -25.21 3.19 -7.58
C ILE A 278 -26.51 2.84 -8.31
N PRO A 279 -26.87 3.54 -9.37
CA PRO A 279 -28.19 3.29 -9.98
C PRO A 279 -28.25 1.90 -10.59
N PRO A 280 -29.39 1.22 -10.47
CA PRO A 280 -29.54 -0.11 -11.10
C PRO A 280 -29.34 -0.08 -12.60
N GLU A 281 -29.56 1.07 -13.24
CA GLU A 281 -29.31 1.24 -14.66
C GLU A 281 -27.86 0.95 -15.04
N ILE A 282 -26.91 0.98 -14.10
CA ILE A 282 -25.55 0.61 -14.45
C ILE A 282 -25.47 -0.81 -15.01
N GLY A 283 -26.41 -1.69 -14.61
CA GLY A 283 -26.43 -3.05 -15.11
C GLY A 283 -26.73 -3.13 -16.60
N ASN A 284 -27.22 -2.05 -17.20
CA ASN A 284 -27.40 -2.02 -18.65
C ASN A 284 -26.16 -1.56 -19.43
N MET A 285 -25.05 -1.21 -18.76
CA MET A 285 -23.78 -0.99 -19.47
C MET A 285 -23.15 -2.35 -19.81
N THR A 286 -23.74 -3.00 -20.78
CA THR A 286 -23.44 -4.40 -21.06
C THR A 286 -22.20 -4.62 -21.91
N ALA A 287 -21.38 -3.59 -22.19
CA ALA A 287 -20.05 -3.83 -22.76
C ALA A 287 -18.95 -3.55 -21.75
N LEU A 288 -19.30 -3.15 -20.54
CA LEU A 288 -18.28 -2.78 -19.56
C LEU A 288 -17.33 -3.94 -19.30
N ASP A 289 -16.04 -3.65 -19.38
CA ASP A 289 -15.01 -4.58 -18.98
C ASP A 289 -14.47 -4.23 -17.59
N THR A 290 -14.41 -2.94 -17.26
CA THR A 290 -13.80 -2.44 -16.04
C THR A 290 -14.69 -1.33 -15.49
N LEU A 291 -15.16 -1.50 -14.26
CA LEU A 291 -15.99 -0.51 -13.58
C LEU A 291 -15.27 -0.16 -12.30
N SER A 292 -14.82 1.10 -12.17
CA SER A 292 -14.07 1.49 -10.99
C SER A 292 -14.69 2.73 -10.36
N LEU A 293 -15.26 2.55 -9.18
CA LEU A 293 -15.92 3.61 -8.41
C LEU A 293 -15.34 3.72 -7.02
N HIS A 294 -14.12 3.23 -6.81
CA HIS A 294 -13.59 3.16 -5.47
C HIS A 294 -13.27 4.54 -4.94
N THR A 295 -13.24 4.65 -3.60
CA THR A 295 -12.88 5.93 -2.94
C THR A 295 -13.82 7.05 -3.37
N ASN A 296 -15.09 6.88 -3.00
CA ASN A 296 -16.17 7.83 -3.25
C ASN A 296 -16.99 7.84 -1.98
N LYS A 297 -18.21 8.41 -2.02
CA LYS A 297 -19.08 8.36 -0.84
C LYS A 297 -20.40 7.65 -1.15
N LEU A 298 -20.33 6.54 -1.86
CA LEU A 298 -21.53 5.88 -2.32
C LEU A 298 -22.14 5.11 -1.16
N THR A 299 -23.47 5.09 -1.11
CA THR A 299 -24.21 4.48 0.00
C THR A 299 -25.22 3.49 -0.58
N GLY A 300 -25.94 2.80 0.30
CA GLY A 300 -26.96 1.88 -0.16
C GLY A 300 -26.39 0.57 -0.68
N PRO A 301 -27.25 -0.32 -1.19
CA PRO A 301 -26.81 -1.66 -1.58
C PRO A 301 -26.11 -1.66 -2.93
N ILE A 302 -25.29 -2.69 -3.12
CA ILE A 302 -24.74 -2.94 -4.46
C ILE A 302 -25.91 -3.36 -5.35
N PRO A 303 -26.11 -2.77 -6.54
CA PRO A 303 -27.31 -3.14 -7.30
C PRO A 303 -27.19 -4.56 -7.84
N SER A 304 -28.29 -5.30 -7.74
CA SER A 304 -28.28 -6.67 -8.21
C SER A 304 -28.12 -6.75 -9.74
N THR A 305 -28.40 -5.67 -10.45
CA THR A 305 -28.31 -5.73 -11.92
C THR A 305 -26.88 -5.84 -12.42
N LEU A 306 -25.85 -5.70 -11.57
CA LEU A 306 -24.49 -5.86 -12.04
C LEU A 306 -24.28 -7.26 -12.59
N GLY A 307 -25.05 -8.24 -12.09
CA GLY A 307 -24.99 -9.58 -12.65
C GLY A 307 -25.38 -9.65 -14.12
N ASN A 308 -26.06 -8.62 -14.63
CA ASN A 308 -26.38 -8.57 -16.07
C ASN A 308 -25.16 -8.32 -16.96
N ILE A 309 -24.03 -7.83 -16.43
CA ILE A 309 -22.88 -7.42 -17.25
C ILE A 309 -21.95 -8.62 -17.41
N LYS A 310 -22.15 -9.35 -18.52
CA LYS A 310 -21.44 -10.61 -18.69
C LYS A 310 -19.99 -10.42 -19.10
N THR A 311 -19.64 -9.23 -19.56
CA THR A 311 -18.29 -8.83 -19.96
C THR A 311 -17.48 -8.30 -18.79
N LEU A 312 -18.08 -8.09 -17.62
CA LEU A 312 -17.38 -7.35 -16.58
C LEU A 312 -16.26 -8.21 -15.98
N ALA A 313 -15.01 -7.75 -16.09
CA ALA A 313 -13.88 -8.50 -15.56
C ALA A 313 -13.31 -7.89 -14.29
N VAL A 314 -13.51 -6.59 -14.08
CA VAL A 314 -12.84 -5.86 -13.00
C VAL A 314 -13.90 -4.97 -12.37
N LEU A 315 -14.11 -5.11 -11.06
CA LEU A 315 -15.10 -4.30 -10.35
C LEU A 315 -14.44 -3.78 -9.07
N HIS A 316 -14.22 -2.47 -8.99
CA HIS A 316 -13.57 -1.87 -7.83
C HIS A 316 -14.58 -0.96 -7.21
N LEU A 317 -15.11 -1.35 -6.06
CA LEU A 317 -16.06 -0.54 -5.31
C LEU A 317 -15.56 -0.23 -3.91
N TYR A 318 -14.30 -0.47 -3.61
CA TYR A 318 -13.85 -0.38 -2.25
C TYR A 318 -13.81 1.08 -1.78
N LEU A 319 -13.72 1.25 -0.44
CA LEU A 319 -13.64 2.57 0.19
C LEU A 319 -14.85 3.42 -0.20
N ASN A 320 -16.03 2.86 0.02
CA ASN A 320 -17.30 3.55 -0.09
C ASN A 320 -18.07 3.28 1.20
N GLN A 321 -19.35 3.60 1.26
CA GLN A 321 -20.19 3.26 2.39
C GLN A 321 -21.31 2.30 1.98
N LEU A 322 -21.04 1.39 1.06
CA LEU A 322 -22.07 0.46 0.59
C LEU A 322 -22.50 -0.45 1.73
N ASN A 323 -23.82 -0.68 1.85
CA ASN A 323 -24.33 -1.49 2.95
C ASN A 323 -25.28 -2.59 2.42
N GLY A 324 -25.97 -3.30 3.31
CA GLY A 324 -26.83 -4.39 2.87
C GLY A 324 -26.03 -5.63 2.48
N SER A 325 -26.76 -6.64 1.98
CA SER A 325 -26.12 -7.89 1.60
C SER A 325 -25.53 -7.82 0.19
N ILE A 326 -24.51 -8.63 -0.06
CA ILE A 326 -24.00 -8.83 -1.41
C ILE A 326 -25.11 -9.55 -2.19
N PRO A 327 -25.66 -8.98 -3.25
CA PRO A 327 -26.70 -9.66 -4.01
C PRO A 327 -26.19 -10.99 -4.53
N PRO A 328 -26.98 -12.06 -4.45
CA PRO A 328 -26.57 -13.32 -5.08
C PRO A 328 -26.37 -13.17 -6.57
N GLU A 329 -27.05 -12.20 -7.20
CA GLU A 329 -26.86 -11.98 -8.64
C GLU A 329 -25.41 -11.60 -9.00
N LEU A 330 -24.60 -11.13 -8.05
CA LEU A 330 -23.20 -10.88 -8.38
C LEU A 330 -22.48 -12.15 -8.79
N GLY A 331 -22.95 -13.32 -8.35
CA GLY A 331 -22.37 -14.56 -8.84
C GLY A 331 -22.58 -14.80 -10.33
N GLU A 332 -23.43 -14.00 -11.02
CA GLU A 332 -23.69 -14.20 -12.46
C GLU A 332 -22.75 -13.38 -13.36
N MET A 333 -21.77 -12.69 -12.78
CA MET A 333 -20.82 -11.86 -13.53
C MET A 333 -19.77 -12.83 -14.09
N GLU A 334 -20.13 -13.51 -15.17
CA GLU A 334 -19.36 -14.72 -15.53
C GLU A 334 -17.89 -14.40 -15.88
N SER A 335 -17.59 -13.19 -16.34
CA SER A 335 -16.23 -12.81 -16.70
C SER A 335 -15.39 -12.31 -15.53
N MET A 336 -15.96 -12.23 -14.32
CA MET A 336 -15.30 -11.48 -13.26
C MET A 336 -13.97 -12.10 -12.87
N ILE A 337 -12.91 -11.28 -12.88
CA ILE A 337 -11.56 -11.70 -12.50
C ILE A 337 -11.15 -11.06 -11.18
N ASP A 338 -11.50 -9.82 -10.99
CA ASP A 338 -10.87 -8.97 -9.97
C ASP A 338 -11.98 -8.20 -9.28
N LEU A 339 -12.47 -8.75 -8.16
CA LEU A 339 -13.66 -8.24 -7.50
C LEU A 339 -13.24 -7.66 -6.16
N GLU A 340 -13.33 -6.33 -6.03
CA GLU A 340 -12.81 -5.65 -4.81
C GLU A 340 -13.89 -4.78 -4.20
N ILE A 341 -14.49 -5.26 -3.11
CA ILE A 341 -15.51 -4.48 -2.43
C ILE A 341 -15.20 -4.34 -0.93
N SER A 342 -13.92 -4.38 -0.60
CA SER A 342 -13.43 -4.10 0.75
C SER A 342 -13.71 -2.67 1.19
N GLU A 343 -13.56 -2.43 2.50
CA GLU A 343 -13.76 -1.12 3.11
C GLU A 343 -15.10 -0.51 2.74
N ASN A 344 -16.14 -1.22 3.14
CA ASN A 344 -17.53 -0.79 2.95
C ASN A 344 -18.24 -1.15 4.25
N LYS A 345 -19.57 -1.12 4.26
CA LYS A 345 -20.38 -1.54 5.40
C LYS A 345 -21.31 -2.67 5.03
N LEU A 346 -20.80 -3.65 4.26
CA LEU A 346 -21.65 -4.79 3.84
C LEU A 346 -21.90 -5.71 5.01
N THR A 347 -23.11 -6.26 5.08
CA THR A 347 -23.50 -7.22 6.11
C THR A 347 -24.01 -8.51 5.44
N GLY A 348 -24.35 -9.50 6.27
CA GLY A 348 -24.89 -10.74 5.78
C GLY A 348 -23.80 -11.68 5.27
N PRO A 349 -24.20 -12.82 4.72
CA PRO A 349 -23.23 -13.83 4.30
C PRO A 349 -22.83 -13.64 2.84
N VAL A 350 -21.70 -14.24 2.49
CA VAL A 350 -21.31 -14.26 1.07
C VAL A 350 -22.21 -15.27 0.36
N PRO A 351 -22.83 -14.93 -0.78
CA PRO A 351 -23.78 -15.88 -1.40
C PRO A 351 -23.07 -17.08 -2.00
N ASP A 352 -23.76 -18.24 -1.92
CA ASP A 352 -23.25 -19.49 -2.52
C ASP A 352 -23.01 -19.32 -4.02
N SER A 353 -23.78 -18.46 -4.67
CA SER A 353 -23.62 -18.24 -6.11
C SER A 353 -22.21 -17.78 -6.47
N PHE A 354 -21.38 -17.35 -5.49
CA PHE A 354 -20.00 -17.02 -5.83
C PHE A 354 -19.25 -18.22 -6.43
N GLY A 355 -19.77 -19.43 -6.24
CA GLY A 355 -19.19 -20.62 -6.90
C GLY A 355 -19.33 -20.64 -8.39
N LYS A 356 -20.17 -19.76 -8.95
CA LYS A 356 -20.33 -19.63 -10.39
C LYS A 356 -19.31 -18.68 -11.00
N LEU A 357 -18.50 -18.01 -10.20
CA LEU A 357 -17.53 -17.05 -10.74
C LEU A 357 -16.25 -17.84 -11.09
N THR A 358 -16.27 -18.51 -12.26
CA THR A 358 -15.23 -19.47 -12.55
C THR A 358 -13.92 -18.86 -13.05
N ALA A 359 -13.87 -17.56 -13.34
CA ALA A 359 -12.64 -16.89 -13.73
C ALA A 359 -12.05 -16.06 -12.59
N LEU A 360 -12.63 -16.14 -11.39
CA LEU A 360 -12.24 -15.25 -10.32
C LEU A 360 -10.77 -15.47 -9.93
N GLU A 361 -10.01 -14.38 -9.84
CA GLU A 361 -8.61 -14.48 -9.41
C GLU A 361 -8.37 -13.74 -8.11
N TRP A 362 -8.90 -12.52 -7.98
CA TRP A 362 -8.74 -11.73 -6.74
C TRP A 362 -10.11 -11.46 -6.14
N LEU A 363 -10.26 -11.77 -4.85
CA LEU A 363 -11.52 -11.49 -4.15
C LEU A 363 -11.18 -10.73 -2.89
N PHE A 364 -11.48 -9.39 -2.87
CA PHE A 364 -11.15 -8.52 -1.73
C PHE A 364 -12.44 -8.14 -1.02
N LEU A 365 -12.62 -8.64 0.20
CA LEU A 365 -13.80 -8.34 0.99
C LEU A 365 -13.43 -7.80 2.35
N ARG A 366 -12.14 -7.53 2.59
CA ARG A 366 -11.76 -7.17 3.95
C ARG A 366 -12.47 -5.89 4.40
N ASP A 367 -12.56 -5.74 5.73
CA ASP A 367 -13.04 -4.53 6.39
C ASP A 367 -14.48 -4.21 6.00
N ASN A 368 -15.35 -5.20 6.24
CA ASN A 368 -16.78 -5.06 6.07
C ASN A 368 -17.39 -5.59 7.35
N GLN A 369 -18.70 -5.80 7.37
CA GLN A 369 -19.34 -6.46 8.50
C GLN A 369 -19.99 -7.78 8.05
N LEU A 370 -19.34 -8.49 7.12
CA LEU A 370 -19.91 -9.74 6.64
C LEU A 370 -19.83 -10.81 7.73
N SER A 371 -20.74 -11.78 7.69
CA SER A 371 -20.78 -12.70 8.82
C SER A 371 -21.24 -14.07 8.33
N GLY A 372 -21.26 -15.02 9.26
CA GLY A 372 -21.80 -16.34 8.97
C GLY A 372 -20.75 -17.22 8.32
N PRO A 373 -21.13 -18.46 8.03
CA PRO A 373 -20.17 -19.38 7.39
C PRO A 373 -19.91 -18.95 5.96
N ILE A 374 -18.72 -19.26 5.46
CA ILE A 374 -18.47 -18.97 4.05
C ILE A 374 -18.86 -20.19 3.22
N PRO A 375 -19.57 -20.02 2.10
CA PRO A 375 -19.94 -21.18 1.28
C PRO A 375 -18.74 -21.70 0.50
N PRO A 376 -18.70 -22.99 0.24
CA PRO A 376 -17.60 -23.56 -0.57
C PRO A 376 -17.42 -22.84 -1.91
N GLY A 377 -18.49 -22.25 -2.45
CA GLY A 377 -18.31 -21.55 -3.72
C GLY A 377 -17.35 -20.39 -3.64
N ILE A 378 -17.14 -19.81 -2.45
CA ILE A 378 -16.30 -18.60 -2.35
C ILE A 378 -14.89 -18.89 -2.82
N ALA A 379 -14.43 -20.13 -2.65
CA ALA A 379 -13.06 -20.51 -2.97
C ALA A 379 -13.00 -21.51 -4.11
N ASN A 380 -14.07 -21.62 -4.89
CA ASN A 380 -14.22 -22.68 -5.87
C ASN A 380 -13.50 -22.39 -7.19
N SER A 381 -13.09 -21.15 -7.45
CA SER A 381 -12.43 -20.80 -8.71
C SER A 381 -11.07 -21.49 -8.78
N THR A 382 -10.83 -22.26 -9.85
CA THR A 382 -9.49 -22.85 -10.00
C THR A 382 -8.43 -21.78 -10.26
N GLU A 383 -8.82 -20.58 -10.67
CA GLU A 383 -7.89 -19.47 -10.94
C GLU A 383 -7.64 -18.58 -9.71
N LEU A 384 -8.30 -18.86 -8.57
CA LEU A 384 -8.20 -17.96 -7.42
C LEU A 384 -6.75 -17.85 -6.95
N THR A 385 -6.21 -16.61 -6.86
CA THR A 385 -4.88 -16.45 -6.28
C THR A 385 -4.88 -15.66 -4.98
N VAL A 386 -5.85 -14.78 -4.76
CA VAL A 386 -5.88 -13.97 -3.55
C VAL A 386 -7.29 -14.00 -2.98
N LEU A 387 -7.40 -14.45 -1.72
CA LEU A 387 -8.69 -14.49 -1.04
C LEU A 387 -8.49 -13.66 0.22
N GLN A 388 -9.15 -12.50 0.29
CA GLN A 388 -8.85 -11.50 1.32
C GLN A 388 -10.15 -11.21 2.08
N LEU A 389 -10.24 -11.75 3.31
CA LEU A 389 -11.48 -11.74 4.10
C LEU A 389 -11.29 -11.10 5.47
N ASP A 390 -10.18 -10.42 5.70
CA ASP A 390 -9.82 -9.91 7.03
C ASP A 390 -10.87 -8.93 7.54
N THR A 391 -10.98 -8.85 8.87
CA THR A 391 -11.79 -7.82 9.54
C THR A 391 -13.25 -7.86 9.07
N ASN A 392 -13.83 -9.05 9.23
CA ASN A 392 -15.26 -9.33 9.07
C ASN A 392 -15.64 -10.18 10.27
N ASN A 393 -16.80 -10.82 10.26
CA ASN A 393 -17.20 -11.71 11.34
C ASN A 393 -17.58 -13.07 10.82
N PHE A 394 -16.77 -13.59 9.88
CA PHE A 394 -17.06 -14.93 9.38
C PHE A 394 -16.88 -15.98 10.46
N THR A 395 -17.64 -17.10 10.31
CA THR A 395 -17.63 -18.20 11.23
C THR A 395 -17.43 -19.52 10.48
N GLY A 396 -17.30 -20.61 11.27
CA GLY A 396 -17.24 -21.98 10.72
C GLY A 396 -15.87 -22.29 10.11
N PHE A 397 -15.84 -23.35 9.30
CA PHE A 397 -14.61 -23.93 8.75
C PHE A 397 -14.26 -23.28 7.41
N LEU A 398 -12.99 -23.36 7.04
CA LEU A 398 -12.60 -23.11 5.67
C LEU A 398 -13.17 -24.23 4.80
N PRO A 399 -13.54 -23.95 3.56
CA PRO A 399 -14.09 -25.01 2.71
C PRO A 399 -13.03 -25.90 2.07
N ASP A 400 -13.45 -27.12 1.75
CA ASP A 400 -12.58 -28.08 1.08
C ASP A 400 -12.32 -27.76 -0.38
N THR A 401 -13.02 -26.77 -0.95
CA THR A 401 -12.69 -26.28 -2.27
C THR A 401 -11.41 -25.45 -2.29
N ILE A 402 -10.87 -25.04 -1.13
CA ILE A 402 -9.84 -24.01 -1.15
C ILE A 402 -8.58 -24.54 -1.84
N CYS A 403 -8.02 -23.72 -2.72
CA CYS A 403 -6.85 -24.07 -3.52
C CYS A 403 -7.04 -25.35 -4.35
N ARG A 404 -8.27 -25.65 -4.79
CA ARG A 404 -8.42 -26.87 -5.58
C ARG A 404 -7.75 -26.72 -6.96
N GLY A 405 -7.59 -25.50 -7.45
CA GLY A 405 -6.81 -25.34 -8.67
C GLY A 405 -5.30 -25.31 -8.51
N GLY A 406 -4.75 -25.38 -7.29
CA GLY A 406 -3.30 -25.37 -7.13
C GLY A 406 -2.63 -24.03 -7.43
N LYS A 407 -3.36 -22.93 -7.37
CA LYS A 407 -2.76 -21.64 -7.70
C LYS A 407 -2.96 -20.60 -6.58
N LEU A 408 -3.63 -20.93 -5.49
CA LEU A 408 -3.86 -19.92 -4.43
C LEU A 408 -2.52 -19.42 -3.86
N GLU A 409 -2.35 -18.11 -3.71
CA GLU A 409 -1.13 -17.51 -3.16
C GLU A 409 -1.32 -16.82 -1.82
N ASN A 410 -2.32 -15.94 -1.70
CA ASN A 410 -2.47 -15.06 -0.54
C ASN A 410 -3.83 -15.32 0.06
N LEU A 411 -3.85 -15.84 1.26
CA LEU A 411 -5.07 -16.17 2.00
C LEU A 411 -5.03 -15.41 3.32
N THR A 412 -5.83 -14.35 3.44
CA THR A 412 -5.74 -13.52 4.65
C THR A 412 -7.12 -13.43 5.29
N LEU A 413 -7.18 -13.78 6.56
CA LEU A 413 -8.44 -14.04 7.27
C LEU A 413 -8.47 -13.39 8.63
N ASP A 414 -7.46 -12.58 8.93
CA ASP A 414 -7.25 -12.01 10.29
C ASP A 414 -8.53 -11.45 10.93
N ASP A 415 -8.73 -11.79 12.23
CA ASP A 415 -9.74 -11.19 13.08
C ASP A 415 -11.16 -11.59 12.61
N ASN A 416 -11.32 -12.79 12.11
CA ASN A 416 -12.61 -13.44 11.91
C ASN A 416 -12.76 -14.44 13.05
N HIS A 417 -13.79 -15.29 12.96
CA HIS A 417 -14.03 -16.35 13.93
C HIS A 417 -13.97 -17.74 13.30
N PHE A 418 -13.07 -17.93 12.32
CA PHE A 418 -12.94 -19.25 11.72
C PHE A 418 -12.45 -20.26 12.74
N GLU A 419 -12.80 -21.53 12.53
CA GLU A 419 -12.43 -22.61 13.44
C GLU A 419 -12.27 -23.88 12.60
N GLY A 420 -11.99 -24.98 13.30
CA GLY A 420 -11.92 -26.28 12.67
C GLY A 420 -10.53 -26.52 12.13
N PRO A 421 -10.35 -27.68 11.50
CA PRO A 421 -9.03 -28.03 10.99
C PRO A 421 -8.77 -27.36 9.65
N VAL A 422 -7.50 -27.24 9.32
CA VAL A 422 -7.08 -26.75 8.00
C VAL A 422 -7.49 -27.78 6.95
N PRO A 423 -8.18 -27.40 5.88
CA PRO A 423 -8.53 -28.39 4.83
C PRO A 423 -7.27 -29.00 4.22
N LYS A 424 -7.38 -30.27 3.83
CA LYS A 424 -6.22 -30.97 3.26
C LYS A 424 -5.77 -30.33 1.95
N SER A 425 -6.69 -29.69 1.22
CA SER A 425 -6.30 -29.02 -0.01
C SER A 425 -5.48 -27.75 0.27
N LEU A 426 -5.57 -27.18 1.49
CA LEU A 426 -4.63 -26.12 1.90
C LEU A 426 -3.30 -26.67 2.41
N ARG A 427 -3.34 -27.79 3.14
CA ARG A 427 -2.11 -28.52 3.44
C ARG A 427 -1.29 -28.76 2.18
N ASP A 428 -1.97 -29.09 1.07
CA ASP A 428 -1.30 -29.53 -0.13
C ASP A 428 -1.11 -28.39 -1.13
N CYS A 429 -1.39 -27.14 -0.72
CA CYS A 429 -1.42 -25.97 -1.60
C CYS A 429 0.01 -25.44 -1.75
N LYS A 430 0.76 -25.98 -2.71
CA LYS A 430 2.18 -25.61 -2.84
C LYS A 430 2.43 -24.18 -3.30
N SER A 431 1.42 -23.48 -3.84
CA SER A 431 1.58 -22.13 -4.40
C SER A 431 1.52 -21.01 -3.34
N LEU A 432 1.28 -21.33 -2.07
CA LEU A 432 1.01 -20.30 -1.07
C LEU A 432 2.22 -19.39 -0.87
N ILE A 433 1.95 -18.09 -0.74
CA ILE A 433 2.97 -17.08 -0.48
C ILE A 433 2.72 -16.36 0.84
N ARG A 434 1.45 -16.02 1.12
CA ARG A 434 1.10 -15.27 2.35
C ARG A 434 -0.12 -15.92 3.02
N VAL A 435 0.03 -16.32 4.29
CA VAL A 435 -1.03 -16.96 5.05
C VAL A 435 -1.19 -16.17 6.35
N ARG A 436 -2.37 -15.55 6.54
CA ARG A 436 -2.60 -14.71 7.72
C ARG A 436 -3.92 -15.18 8.35
N PHE A 437 -3.80 -15.88 9.48
CA PHE A 437 -4.90 -16.48 10.22
C PHE A 437 -5.06 -15.85 11.61
N LYS A 438 -4.38 -14.72 11.86
CA LYS A 438 -4.31 -14.18 13.22
C LYS A 438 -5.71 -13.97 13.81
N GLY A 439 -5.90 -14.39 15.07
CA GLY A 439 -7.14 -14.06 15.75
C GLY A 439 -8.26 -15.01 15.48
N ASN A 440 -8.08 -16.03 14.64
CA ASN A 440 -9.14 -17.02 14.45
C ASN A 440 -8.97 -18.10 15.51
N SER A 441 -9.72 -19.21 15.40
CA SER A 441 -9.54 -20.35 16.30
C SER A 441 -9.34 -21.65 15.52
N PHE A 442 -8.48 -21.65 14.49
CA PHE A 442 -8.17 -22.93 13.86
C PHE A 442 -7.53 -23.89 14.85
N SER A 443 -7.78 -25.21 14.66
CA SER A 443 -7.23 -26.22 15.56
C SER A 443 -6.60 -27.38 14.75
N GLY A 444 -6.05 -28.34 15.47
CA GLY A 444 -5.41 -29.51 14.91
C GLY A 444 -3.92 -29.55 15.25
N ASP A 445 -3.33 -30.70 14.96
CA ASP A 445 -1.88 -30.87 15.09
C ASP A 445 -1.20 -30.03 14.00
N ILE A 446 -0.33 -29.11 14.42
CA ILE A 446 0.30 -28.17 13.48
C ILE A 446 1.13 -28.92 12.43
N SER A 447 1.75 -30.04 12.81
CA SER A 447 2.53 -30.75 11.80
C SER A 447 1.66 -31.62 10.88
N GLU A 448 0.39 -31.84 11.21
CA GLU A 448 -0.51 -32.45 10.22
C GLU A 448 -1.23 -31.41 9.39
N ALA A 449 -1.41 -30.22 9.93
CA ALA A 449 -2.27 -29.25 9.28
C ALA A 449 -1.62 -28.68 8.03
N PHE A 450 -0.31 -28.42 8.10
CA PHE A 450 0.41 -27.70 7.06
C PHE A 450 1.40 -28.64 6.38
N GLY A 451 1.54 -28.50 5.06
CA GLY A 451 2.49 -29.28 4.25
C GLY A 451 3.75 -28.49 3.99
N VAL A 452 4.22 -28.54 2.75
CA VAL A 452 5.47 -27.90 2.36
C VAL A 452 5.13 -26.77 1.41
N TYR A 453 5.70 -25.59 1.67
CA TYR A 453 5.39 -24.35 0.96
C TYR A 453 6.68 -23.70 0.45
N PRO A 454 7.17 -24.11 -0.71
CA PRO A 454 8.46 -23.59 -1.19
C PRO A 454 8.50 -22.09 -1.39
N THR A 455 7.38 -21.44 -1.72
CA THR A 455 7.42 -20.00 -1.99
C THR A 455 6.76 -19.18 -0.89
N LEU A 456 6.52 -19.79 0.27
CA LEU A 456 5.93 -19.08 1.40
C LEU A 456 6.85 -17.94 1.82
N ASN A 457 6.26 -16.75 1.97
CA ASN A 457 6.98 -15.56 2.35
C ASN A 457 6.61 -15.10 3.74
N PHE A 458 5.37 -15.30 4.15
CA PHE A 458 4.88 -14.74 5.40
C PHE A 458 3.74 -15.61 5.91
N ILE A 459 3.83 -16.00 7.17
CA ILE A 459 2.75 -16.78 7.76
C ILE A 459 2.56 -16.34 9.20
N ASP A 460 1.30 -16.02 9.55
CA ASP A 460 0.95 -15.59 10.91
C ASP A 460 -0.22 -16.43 11.38
N LEU A 461 0.02 -17.27 12.39
CA LEU A 461 -1.01 -18.11 13.01
C LEU A 461 -1.30 -17.69 14.45
N SER A 462 -1.01 -16.44 14.80
CA SER A 462 -1.11 -15.98 16.18
C SER A 462 -2.52 -16.16 16.75
N ASN A 463 -2.57 -16.67 17.97
CA ASN A 463 -3.78 -16.74 18.79
C ASN A 463 -4.78 -17.75 18.25
N ASN A 464 -4.34 -18.67 17.44
CA ASN A 464 -5.16 -19.82 17.07
C ASN A 464 -4.99 -20.91 18.13
N ASN A 465 -5.49 -22.10 17.83
CA ASN A 465 -5.57 -23.16 18.82
C ASN A 465 -4.81 -24.39 18.30
N PHE A 466 -3.77 -24.19 17.51
CA PHE A 466 -3.01 -25.36 17.05
C PHE A 466 -2.24 -25.99 18.19
N HIS A 467 -2.11 -27.33 18.14
CA HIS A 467 -1.28 -28.08 19.09
C HIS A 467 -0.25 -28.87 18.32
N GLY A 468 0.51 -29.69 19.03
CA GLY A 468 1.54 -30.52 18.42
C GLY A 468 2.89 -29.84 18.41
N GLN A 469 3.83 -30.53 17.75
CA GLN A 469 5.22 -30.12 17.65
C GLN A 469 5.48 -29.60 16.25
N LEU A 470 6.32 -28.58 16.18
CA LEU A 470 6.76 -28.05 14.89
C LEU A 470 7.44 -29.11 14.05
N SER A 471 7.18 -29.09 12.75
CA SER A 471 7.83 -30.03 11.83
C SER A 471 9.09 -29.40 11.21
N ALA A 472 10.07 -30.24 10.90
CA ALA A 472 11.18 -29.77 10.07
C ALA A 472 10.74 -29.37 8.64
N ASN A 473 9.50 -29.70 8.23
CA ASN A 473 9.00 -29.29 6.91
C ASN A 473 9.07 -27.79 6.68
N TRP A 474 8.99 -26.98 7.73
CA TRP A 474 9.02 -25.54 7.56
C TRP A 474 10.30 -25.09 6.90
N GLU A 475 11.39 -25.86 7.09
CA GLU A 475 12.69 -25.51 6.49
C GLU A 475 12.62 -25.47 4.96
N GLN A 476 11.68 -26.18 4.36
CA GLN A 476 11.55 -26.10 2.90
C GLN A 476 10.98 -24.77 2.41
N SER A 477 10.49 -23.90 3.31
CA SER A 477 10.18 -22.52 2.93
C SER A 477 11.44 -21.67 3.03
N GLN A 478 12.35 -21.89 2.07
CA GLN A 478 13.65 -21.25 2.15
C GLN A 478 13.59 -19.73 1.95
N LYS A 479 12.50 -19.17 1.40
CA LYS A 479 12.38 -17.72 1.29
C LYS A 479 11.49 -17.10 2.38
N LEU A 480 11.13 -17.85 3.39
CA LEU A 480 10.24 -17.33 4.41
C LEU A 480 10.93 -16.21 5.19
N VAL A 481 10.28 -15.05 5.26
CA VAL A 481 10.85 -13.94 6.02
C VAL A 481 10.15 -13.72 7.37
N ALA A 482 8.91 -14.16 7.54
CA ALA A 482 8.25 -14.02 8.84
C ALA A 482 7.53 -15.32 9.21
N PHE A 483 7.78 -15.80 10.42
CA PHE A 483 7.23 -17.07 10.90
C PHE A 483 6.62 -16.75 12.25
N ILE A 484 5.30 -16.56 12.31
CA ILE A 484 4.65 -16.02 13.51
C ILE A 484 3.60 -17.02 14.00
N LEU A 485 3.87 -17.63 15.15
CA LEU A 485 3.05 -18.71 15.71
C LEU A 485 2.72 -18.47 17.16
N SER A 486 2.59 -17.19 17.53
CA SER A 486 2.42 -16.82 18.92
C SER A 486 1.11 -17.37 19.51
N ASN A 487 1.20 -17.83 20.74
CA ASN A 487 0.04 -18.10 21.61
C ASN A 487 -0.94 -19.16 21.06
N ASN A 488 -0.41 -20.20 20.49
CA ASN A 488 -1.08 -21.47 20.21
C ASN A 488 -0.82 -22.40 21.40
N SER A 489 -0.99 -23.69 21.18
CA SER A 489 -0.64 -24.70 22.18
C SER A 489 0.48 -25.61 21.69
N ILE A 490 1.51 -25.03 21.07
CA ILE A 490 2.61 -25.82 20.51
C ILE A 490 3.48 -26.37 21.64
N THR A 491 3.91 -27.62 21.51
CA THR A 491 4.73 -28.28 22.52
C THR A 491 5.97 -28.84 21.82
N GLY A 492 6.81 -29.54 22.59
CA GLY A 492 7.98 -30.20 22.01
C GLY A 492 9.09 -29.20 21.69
N ALA A 493 10.04 -29.68 20.89
CA ALA A 493 11.29 -28.99 20.61
C ALA A 493 11.19 -28.14 19.33
N ILE A 494 12.05 -27.13 19.25
CA ILE A 494 12.25 -26.40 18.00
C ILE A 494 13.14 -27.26 17.12
N PRO A 495 12.67 -27.73 15.95
CA PRO A 495 13.55 -28.51 15.05
C PRO A 495 14.81 -27.72 14.73
N PRO A 496 15.96 -28.38 14.78
CA PRO A 496 17.22 -27.68 14.46
C PRO A 496 17.24 -27.10 13.05
N GLU A 497 16.44 -27.65 12.12
CA GLU A 497 16.33 -27.07 10.78
C GLU A 497 15.80 -25.63 10.78
N ILE A 498 15.05 -25.23 11.80
CA ILE A 498 14.50 -23.87 11.82
C ILE A 498 15.64 -22.86 11.70
N TRP A 499 16.81 -23.13 12.33
CA TRP A 499 17.89 -22.16 12.37
C TRP A 499 18.59 -22.09 11.02
N ASN A 500 18.24 -22.97 10.09
CA ASN A 500 18.71 -22.90 8.71
C ASN A 500 17.77 -22.13 7.79
N MET A 501 16.72 -21.52 8.34
CA MET A 501 15.83 -20.66 7.56
C MET A 501 16.46 -19.26 7.52
N THR A 502 17.48 -19.13 6.69
CA THR A 502 18.41 -17.99 6.79
C THR A 502 17.82 -16.68 6.26
N GLN A 503 16.68 -16.71 5.60
CA GLN A 503 16.02 -15.46 5.20
C GLN A 503 15.08 -14.94 6.29
N LEU A 504 14.89 -15.66 7.38
CA LEU A 504 13.99 -15.21 8.42
C LEU A 504 14.41 -13.85 8.97
N SER A 505 13.46 -12.95 8.99
CA SER A 505 13.64 -11.67 9.64
C SER A 505 12.83 -11.54 10.93
N GLN A 506 11.68 -12.19 10.99
CA GLN A 506 10.87 -12.24 12.22
C GLN A 506 10.56 -13.68 12.54
N LEU A 507 10.86 -14.06 13.78
CA LEU A 507 10.53 -15.39 14.27
C LEU A 507 9.86 -15.20 15.61
N ASP A 508 8.60 -15.59 15.68
CA ASP A 508 7.82 -15.38 16.90
C ASP A 508 7.15 -16.70 17.26
N LEU A 509 7.74 -17.43 18.21
CA LEU A 509 7.12 -18.64 18.76
C LEU A 509 6.62 -18.42 20.17
N SER A 510 6.35 -17.19 20.53
CA SER A 510 6.09 -16.85 21.92
C SER A 510 4.78 -17.47 22.41
N SER A 511 4.71 -17.66 23.74
CA SER A 511 3.48 -18.00 24.47
C SER A 511 2.91 -19.35 24.02
N ASN A 512 3.80 -20.33 23.85
CA ASN A 512 3.51 -21.75 23.55
C ASN A 512 4.08 -22.52 24.75
N ARG A 513 4.22 -23.85 24.62
CA ARG A 513 4.84 -24.70 25.65
C ARG A 513 6.08 -25.43 25.13
N ILE A 514 6.88 -24.72 24.39
CA ILE A 514 8.01 -25.32 23.70
C ILE A 514 9.14 -25.56 24.69
N THR A 515 9.81 -26.70 24.54
CA THR A 515 10.83 -27.11 25.48
C THR A 515 12.17 -27.24 24.76
N GLY A 516 13.22 -27.55 25.53
CA GLY A 516 14.53 -27.80 24.98
C GLY A 516 15.44 -26.60 25.13
N GLU A 517 16.66 -26.77 24.64
CA GLU A 517 17.70 -25.76 24.77
C GLU A 517 17.92 -25.12 23.40
N LEU A 518 18.26 -23.86 23.40
CA LEU A 518 18.63 -23.22 22.14
C LEU A 518 20.06 -23.59 21.78
N PRO A 519 20.30 -24.06 20.55
CA PRO A 519 21.66 -24.46 20.15
C PRO A 519 22.50 -23.26 19.74
N GLU A 520 23.83 -23.46 19.69
CA GLU A 520 24.72 -22.39 19.22
C GLU A 520 24.47 -22.05 17.76
N SER A 521 23.94 -23.00 16.98
CA SER A 521 23.66 -22.71 15.57
C SER A 521 22.49 -21.77 15.39
N ILE A 522 21.89 -21.29 16.48
CA ILE A 522 20.98 -20.17 16.38
C ILE A 522 21.65 -18.99 15.65
N SER A 523 22.99 -18.92 15.67
CA SER A 523 23.64 -17.83 14.96
C SER A 523 23.40 -17.90 13.46
N ASN A 524 22.89 -19.00 12.94
CA ASN A 524 22.70 -19.11 11.50
C ASN A 524 21.56 -18.25 10.97
N ILE A 525 20.60 -17.81 11.79
CA ILE A 525 19.55 -16.93 11.24
C ILE A 525 20.10 -15.51 11.37
N ASN A 526 20.99 -15.18 10.44
CA ASN A 526 21.78 -13.96 10.60
C ASN A 526 21.07 -12.73 10.06
N ARG A 527 19.94 -12.88 9.38
CA ARG A 527 19.12 -11.72 9.05
C ARG A 527 18.06 -11.40 10.10
N ILE A 528 17.96 -12.18 11.18
CA ILE A 528 16.85 -12.00 12.11
C ILE A 528 16.90 -10.61 12.73
N SER A 529 15.76 -9.92 12.71
CA SER A 529 15.68 -8.61 13.34
C SER A 529 14.74 -8.60 14.53
N LYS A 530 13.73 -9.48 14.55
CA LYS A 530 12.85 -9.61 15.70
C LYS A 530 12.75 -11.07 16.11
N LEU A 531 13.21 -11.38 17.32
CA LEU A 531 13.30 -12.74 17.82
C LEU A 531 12.49 -12.84 19.13
N GLN A 532 11.38 -13.55 19.10
CA GLN A 532 10.44 -13.59 20.23
C GLN A 532 10.21 -15.06 20.57
N LEU A 533 10.90 -15.51 21.59
CA LEU A 533 10.74 -16.88 22.10
C LEU A 533 10.18 -16.88 23.51
N ASN A 534 9.65 -15.75 23.94
CA ASN A 534 9.17 -15.57 25.30
C ASN A 534 7.96 -16.44 25.59
N GLY A 535 7.84 -16.83 26.86
CA GLY A 535 6.61 -17.44 27.37
C GLY A 535 6.56 -18.91 26.97
N ASN A 536 7.71 -19.59 27.00
CA ASN A 536 7.82 -21.01 26.64
C ASN A 536 8.49 -21.72 27.80
N ARG A 537 8.93 -22.96 27.61
CA ARG A 537 9.64 -23.66 28.68
C ARG A 537 11.08 -23.97 28.30
N LEU A 538 11.71 -23.08 27.54
CA LEU A 538 13.07 -23.32 27.08
C LEU A 538 14.03 -23.34 28.28
N SER A 539 14.98 -24.26 28.26
CA SER A 539 15.89 -24.43 29.39
C SER A 539 17.35 -24.37 28.92
N GLY A 540 18.32 -24.68 29.79
CA GLY A 540 19.72 -24.53 29.41
C GLY A 540 20.19 -23.07 29.43
N LYS A 541 21.41 -22.87 28.99
CA LYS A 541 21.97 -21.53 29.01
C LYS A 541 21.58 -20.80 27.72
N ILE A 542 21.51 -19.48 27.82
CA ILE A 542 21.31 -18.66 26.59
C ILE A 542 22.53 -18.84 25.70
N PRO A 543 22.39 -19.24 24.45
CA PRO A 543 23.60 -19.53 23.66
C PRO A 543 24.42 -18.28 23.35
N SER A 544 25.73 -18.47 23.39
CA SER A 544 26.64 -17.39 23.02
C SER A 544 26.45 -16.96 21.56
N GLY A 545 25.94 -17.87 20.69
CA GLY A 545 25.80 -17.55 19.28
C GLY A 545 24.84 -16.40 18.98
N ILE A 546 23.98 -16.03 19.93
CA ILE A 546 23.16 -14.83 19.72
C ILE A 546 24.03 -13.59 19.49
N ARG A 547 25.28 -13.60 19.97
CA ARG A 547 26.18 -12.47 19.77
C ARG A 547 26.40 -12.19 18.28
N LEU A 548 26.21 -13.17 17.42
CA LEU A 548 26.43 -12.98 15.98
C LEU A 548 25.19 -12.50 15.25
N LEU A 549 24.06 -12.34 15.93
CA LEU A 549 22.83 -11.91 15.27
C LEU A 549 22.81 -10.38 15.20
N THR A 550 23.70 -9.84 14.36
CA THR A 550 23.97 -8.39 14.41
C THR A 550 22.86 -7.56 13.75
N ASN A 551 21.89 -8.18 13.11
CA ASN A 551 20.71 -7.43 12.69
C ASN A 551 19.61 -7.31 13.74
N LEU A 552 19.81 -7.88 14.93
CA LEU A 552 18.73 -7.95 15.91
C LEU A 552 18.34 -6.56 16.37
N GLU A 553 17.04 -6.27 16.34
CA GLU A 553 16.49 -5.04 16.91
C GLU A 553 15.76 -5.31 18.20
N TYR A 554 15.14 -6.49 18.32
CA TYR A 554 14.20 -6.74 19.39
C TYR A 554 14.36 -8.20 19.79
N LEU A 555 14.80 -8.44 21.02
CA LEU A 555 15.09 -9.79 21.52
C LEU A 555 14.26 -10.03 22.76
N ASP A 556 13.35 -11.00 22.70
CA ASP A 556 12.57 -11.34 23.89
C ASP A 556 12.74 -12.82 24.18
N LEU A 557 13.52 -13.14 25.23
CA LEU A 557 13.70 -14.50 25.74
C LEU A 557 13.05 -14.68 27.09
N SER A 558 12.14 -13.80 27.46
CA SER A 558 11.66 -13.76 28.82
C SER A 558 10.64 -14.88 29.07
N SER A 559 10.34 -15.13 30.37
CA SER A 559 9.33 -16.13 30.78
C SER A 559 9.62 -17.50 30.14
N ASN A 560 10.80 -18.01 30.46
CA ASN A 560 11.30 -19.30 30.02
C ASN A 560 11.96 -19.89 31.26
N ARG A 561 12.77 -20.91 31.10
CA ARG A 561 13.54 -21.46 32.22
C ARG A 561 15.03 -21.42 31.89
N PHE A 562 15.49 -20.35 31.26
CA PHE A 562 16.93 -20.23 31.04
C PHE A 562 17.70 -20.14 32.34
N SER A 563 18.85 -20.79 32.37
CA SER A 563 19.66 -20.92 33.55
C SER A 563 21.06 -20.41 33.22
N PHE A 564 21.88 -20.28 34.26
CA PHE A 564 23.31 -19.89 34.20
C PHE A 564 23.47 -18.44 33.75
N GLU A 565 24.65 -18.06 33.28
CA GLU A 565 24.97 -16.64 33.14
C GLU A 565 24.49 -16.05 31.82
N ILE A 566 24.20 -14.75 31.85
CA ILE A 566 24.03 -13.98 30.60
C ILE A 566 25.35 -13.97 29.84
N PRO A 567 25.39 -14.36 28.57
CA PRO A 567 26.69 -14.48 27.84
C PRO A 567 27.44 -13.15 27.90
N PRO A 568 28.71 -13.16 28.31
CA PRO A 568 29.49 -11.92 28.38
C PRO A 568 29.90 -11.36 27.03
N THR A 569 29.63 -12.05 25.91
CA THR A 569 29.96 -11.61 24.56
C THR A 569 28.82 -10.84 23.87
N LEU A 570 27.67 -10.65 24.52
CA LEU A 570 26.56 -9.88 23.95
C LEU A 570 26.88 -8.41 24.12
N ASN A 571 27.75 -7.93 23.24
CA ASN A 571 28.22 -6.56 23.31
C ASN A 571 28.27 -5.88 21.95
N ASN A 572 27.82 -6.55 20.90
CA ASN A 572 28.02 -6.09 19.54
C ASN A 572 26.73 -6.24 18.74
N LEU A 573 25.61 -5.76 19.28
CA LEU A 573 24.32 -5.79 18.56
C LEU A 573 23.90 -4.34 18.30
N PRO A 574 24.42 -3.72 17.25
CA PRO A 574 24.35 -2.26 17.15
C PRO A 574 22.96 -1.74 16.80
N ARG A 575 21.99 -2.59 16.46
CA ARG A 575 20.61 -2.15 16.21
C ARG A 575 19.65 -2.53 17.35
N LEU A 576 20.14 -3.17 18.39
CA LEU A 576 19.26 -3.74 19.40
C LEU A 576 18.70 -2.62 20.29
N TYR A 577 17.40 -2.40 20.24
CA TYR A 577 16.80 -1.40 21.09
C TYR A 577 15.99 -2.00 22.24
N TYR A 578 15.69 -3.31 22.22
CA TYR A 578 14.85 -3.95 23.23
C TYR A 578 15.43 -5.29 23.61
N MET A 579 15.72 -5.50 24.90
CA MET A 579 16.24 -6.78 25.37
C MET A 579 15.42 -7.13 26.60
N ASN A 580 14.73 -8.25 26.57
CA ASN A 580 13.93 -8.72 27.70
C ASN A 580 14.34 -10.14 28.03
N LEU A 581 15.05 -10.31 29.15
CA LEU A 581 15.46 -11.63 29.67
C LEU A 581 14.76 -11.94 30.98
N SER A 582 13.68 -11.23 31.26
CA SER A 582 13.09 -11.35 32.57
C SER A 582 12.45 -12.73 32.78
N ARG A 583 12.24 -13.07 34.06
CA ARG A 583 11.46 -14.28 34.42
C ARG A 583 12.12 -15.55 33.83
N ASN A 584 13.36 -15.73 34.25
CA ASN A 584 14.15 -16.93 33.96
C ASN A 584 14.86 -17.28 35.26
N ASP A 585 15.88 -18.12 35.22
CA ASP A 585 16.66 -18.39 36.42
C ASP A 585 18.13 -17.97 36.21
N LEU A 586 18.35 -16.85 35.52
CA LEU A 586 19.71 -16.42 35.17
C LEU A 586 20.48 -15.97 36.42
N ASP A 587 21.77 -16.29 36.49
CA ASP A 587 22.52 -16.06 37.70
C ASP A 587 23.90 -15.45 37.38
N GLN A 588 24.68 -15.19 38.44
CA GLN A 588 25.98 -14.53 38.42
C GLN A 588 25.76 -13.06 38.05
N THR A 589 26.83 -12.33 37.75
CA THR A 589 26.78 -10.88 37.62
C THR A 589 26.26 -10.49 36.24
N ILE A 590 25.69 -9.29 36.15
CA ILE A 590 25.26 -8.67 34.89
C ILE A 590 26.54 -8.31 34.14
N PRO A 591 26.78 -8.86 32.95
CA PRO A 591 28.06 -8.60 32.28
C PRO A 591 28.13 -7.19 31.72
N GLU A 592 29.35 -6.63 31.78
CA GLU A 592 29.59 -5.27 31.30
C GLU A 592 29.39 -5.13 29.79
N GLY A 593 29.46 -6.24 29.03
CA GLY A 593 29.23 -6.16 27.59
C GLY A 593 27.88 -5.56 27.20
N LEU A 594 26.85 -5.78 28.03
CA LEU A 594 25.51 -5.23 27.77
C LEU A 594 25.53 -3.69 27.72
N THR A 595 26.48 -3.04 28.42
CA THR A 595 26.55 -1.57 28.40
C THR A 595 27.09 -1.05 27.09
N LYS A 596 27.54 -1.92 26.20
CA LYS A 596 28.05 -1.50 24.87
C LYS A 596 26.93 -1.59 23.81
N LEU A 597 25.75 -2.01 24.25
CA LEU A 597 24.58 -2.15 23.35
C LEU A 597 23.95 -0.76 23.24
N SER A 598 24.62 0.08 22.44
CA SER A 598 24.41 1.53 22.53
C SER A 598 23.02 1.95 22.13
N GLN A 599 22.30 1.15 21.33
CA GLN A 599 20.93 1.58 20.97
C GLN A 599 19.86 1.07 21.95
N LEU A 600 20.22 0.37 23.01
CA LEU A 600 19.18 -0.14 23.93
C LEU A 600 18.32 0.99 24.47
N GLN A 601 17.02 0.82 24.32
CA GLN A 601 16.02 1.68 24.91
C GLN A 601 15.33 1.04 26.10
N MET A 602 15.16 -0.28 26.08
CA MET A 602 14.54 -1.01 27.18
C MET A 602 15.35 -2.25 27.50
N LEU A 603 15.70 -2.40 28.77
CA LEU A 603 16.46 -3.55 29.23
C LEU A 603 15.74 -4.07 30.45
N ASP A 604 15.22 -5.31 30.35
CA ASP A 604 14.47 -5.92 31.44
C ASP A 604 15.17 -7.25 31.78
N LEU A 605 15.82 -7.28 32.93
CA LEU A 605 16.44 -8.49 33.50
C LEU A 605 15.78 -8.92 34.80
N SER A 606 14.56 -8.45 35.07
CA SER A 606 13.89 -8.66 36.34
C SER A 606 13.51 -10.14 36.52
N TYR A 607 13.29 -10.55 37.77
CA TYR A 607 12.86 -11.91 38.12
C TYR A 607 13.87 -12.98 37.62
N ASN A 608 15.09 -12.86 38.12
CA ASN A 608 16.18 -13.81 37.89
C ASN A 608 16.88 -13.97 39.23
N GLN A 609 18.07 -14.56 39.23
CA GLN A 609 18.84 -14.62 40.46
C GLN A 609 20.20 -13.97 40.24
N LEU A 610 20.22 -12.86 39.51
CA LEU A 610 21.47 -12.17 39.23
C LEU A 610 22.04 -11.58 40.51
N ASP A 611 23.36 -11.59 40.65
CA ASP A 611 23.91 -11.05 41.90
C ASP A 611 25.13 -10.14 41.61
N GLY A 612 25.83 -9.76 42.68
CA GLY A 612 26.94 -8.83 42.55
C GLY A 612 26.41 -7.42 42.34
N GLU A 613 27.30 -6.57 41.82
CA GLU A 613 27.03 -5.15 41.75
C GLU A 613 26.51 -4.73 40.39
N ILE A 614 25.75 -3.63 40.36
CA ILE A 614 25.37 -2.97 39.11
C ILE A 614 26.55 -2.15 38.61
N SER A 615 27.02 -2.46 37.41
CA SER A 615 28.23 -1.81 36.90
C SER A 615 28.01 -0.31 36.75
N SER A 616 29.02 0.47 37.13
CA SER A 616 28.90 1.89 36.85
C SER A 616 29.04 2.18 35.35
N GLN A 617 29.48 1.19 34.54
CA GLN A 617 29.49 1.37 33.07
C GLN A 617 28.09 1.43 32.46
N PHE A 618 27.01 1.22 33.24
CA PHE A 618 25.69 1.49 32.71
C PHE A 618 25.50 2.91 32.20
N ARG A 619 26.34 3.85 32.66
CA ARG A 619 26.30 5.23 32.15
C ARG A 619 26.43 5.31 30.63
N SER A 620 27.09 4.32 30.02
CA SER A 620 27.27 4.25 28.56
C SER A 620 25.98 4.01 27.76
N LEU A 621 24.90 3.57 28.41
CA LEU A 621 23.64 3.30 27.70
C LEU A 621 22.86 4.61 27.66
N GLN A 622 23.31 5.48 26.77
CA GLN A 622 22.82 6.83 26.70
C GLN A 622 21.45 6.92 26.03
N ASN A 623 20.98 5.86 25.39
CA ASN A 623 19.63 5.85 24.84
C ASN A 623 18.66 5.09 25.73
N LEU A 624 19.13 4.54 26.83
CA LEU A 624 18.29 3.69 27.67
C LEU A 624 17.18 4.52 28.32
N GLU A 625 15.94 4.13 28.08
CA GLU A 625 14.80 4.79 28.70
C GLU A 625 14.23 4.02 29.88
N ARG A 626 14.18 2.69 29.78
CA ARG A 626 13.56 1.88 30.81
C ARG A 626 14.52 0.79 31.24
N LEU A 627 14.68 0.64 32.56
CA LEU A 627 15.62 -0.32 33.12
C LEU A 627 14.90 -1.04 34.24
N ASP A 628 14.77 -2.37 34.14
CA ASP A 628 14.12 -3.13 35.20
C ASP A 628 15.10 -4.21 35.66
N LEU A 629 15.62 -4.04 36.87
CA LEU A 629 16.47 -5.06 37.46
C LEU A 629 15.82 -5.69 38.69
N SER A 630 14.54 -5.46 38.89
CA SER A 630 13.91 -5.85 40.15
C SER A 630 13.90 -7.37 40.32
N HIS A 631 13.72 -7.81 41.57
CA HIS A 631 13.60 -9.24 41.86
C HIS A 631 14.82 -10.02 41.38
N ASN A 632 15.96 -9.63 41.94
CA ASN A 632 17.23 -10.31 41.70
C ASN A 632 17.93 -10.35 43.06
N ASN A 633 19.20 -10.67 43.04
CA ASN A 633 20.01 -10.72 44.23
C ASN A 633 21.18 -9.72 44.16
N LEU A 634 20.95 -8.52 43.61
CA LEU A 634 22.03 -7.53 43.44
C LEU A 634 22.39 -6.83 44.75
N SER A 635 23.68 -6.50 44.91
CA SER A 635 24.13 -5.95 46.18
C SER A 635 24.94 -4.68 45.93
N GLY A 636 25.37 -4.05 47.02
CA GLY A 636 26.16 -2.83 46.98
C GLY A 636 25.27 -1.65 46.67
N GLN A 637 25.87 -0.60 46.14
CA GLN A 637 25.19 0.67 45.92
C GLN A 637 24.77 0.79 44.48
N ILE A 638 23.69 1.52 44.25
CA ILE A 638 23.35 1.89 42.88
C ILE A 638 24.41 2.89 42.44
N PRO A 639 25.11 2.66 41.34
CA PRO A 639 26.22 3.53 40.96
C PRO A 639 25.77 4.97 40.82
N PRO A 640 26.50 5.91 41.44
CA PRO A 640 26.26 7.33 41.16
C PRO A 640 26.35 7.67 39.68
N SER A 641 27.09 6.90 38.89
CA SER A 641 27.15 7.17 37.45
C SER A 641 25.77 7.20 36.76
N PHE A 642 24.70 6.67 37.38
CA PHE A 642 23.37 6.81 36.78
C PHE A 642 22.98 8.28 36.58
N LYS A 643 23.64 9.21 37.27
CA LYS A 643 23.38 10.62 36.99
C LYS A 643 23.69 11.00 35.54
N ASP A 644 24.50 10.20 34.83
CA ASP A 644 24.84 10.52 33.45
C ASP A 644 23.76 10.12 32.45
N MET A 645 22.77 9.33 32.89
CA MET A 645 21.80 8.75 31.97
C MET A 645 20.54 9.62 31.90
N LEU A 646 20.66 10.73 31.15
CA LEU A 646 19.56 11.67 31.08
C LEU A 646 18.34 11.13 30.34
N ALA A 647 18.48 10.14 29.44
CA ALA A 647 17.30 9.58 28.78
C ALA A 647 16.50 8.63 29.65
N LEU A 648 17.00 8.20 30.80
CA LEU A 648 16.27 7.23 31.59
C LEU A 648 14.98 7.84 32.13
N THR A 649 13.86 7.16 31.92
CA THR A 649 12.59 7.63 32.48
C THR A 649 11.96 6.65 33.46
N HIS A 650 12.23 5.36 33.34
CA HIS A 650 11.61 4.31 34.15
C HIS A 650 12.71 3.45 34.73
N VAL A 651 12.72 3.26 36.04
CA VAL A 651 13.72 2.42 36.68
C VAL A 651 13.06 1.64 37.81
N ASP A 652 13.48 0.40 37.97
CA ASP A 652 12.95 -0.43 39.04
C ASP A 652 14.08 -1.30 39.53
N VAL A 653 14.44 -1.14 40.81
CA VAL A 653 15.49 -1.94 41.42
C VAL A 653 14.96 -2.67 42.63
N SER A 654 13.64 -2.79 42.75
CA SER A 654 13.06 -3.34 43.98
C SER A 654 13.44 -4.82 44.17
N HIS A 655 13.33 -5.28 45.42
CA HIS A 655 13.56 -6.69 45.79
C HIS A 655 14.94 -7.19 45.32
N ASN A 656 15.95 -6.47 45.77
CA ASN A 656 17.36 -6.78 45.62
C ASN A 656 17.98 -6.67 47.01
N ASN A 657 19.30 -6.69 47.09
CA ASN A 657 20.03 -6.50 48.36
C ASN A 657 20.85 -5.21 48.34
N LEU A 658 20.28 -4.15 47.77
CA LEU A 658 20.98 -2.89 47.52
C LEU A 658 20.93 -1.99 48.75
N GLN A 659 21.90 -1.07 48.82
CA GLN A 659 22.05 -0.15 49.97
C GLN A 659 22.66 1.16 49.51
N GLY A 660 22.56 2.17 50.36
CA GLY A 660 23.10 3.45 50.04
C GLY A 660 22.11 4.40 49.41
N PRO A 661 22.59 5.58 49.03
CA PRO A 661 21.68 6.61 48.54
C PRO A 661 21.29 6.35 47.09
N ILE A 662 20.23 7.04 46.68
CA ILE A 662 19.65 6.93 45.34
C ILE A 662 20.35 7.92 44.44
N PRO A 663 20.85 7.53 43.27
CA PRO A 663 21.53 8.49 42.40
C PRO A 663 20.59 9.62 42.00
N ASP A 664 21.18 10.69 41.53
CA ASP A 664 20.45 11.89 41.14
C ASP A 664 20.20 11.82 39.63
N ASN A 665 19.08 11.23 39.22
CA ASN A 665 18.58 11.52 37.88
C ASN A 665 17.06 11.45 37.91
N ALA A 666 16.44 11.95 36.84
CA ALA A 666 14.99 12.15 36.85
C ALA A 666 14.23 10.84 37.08
N ALA A 667 14.70 9.73 36.50
CA ALA A 667 13.98 8.47 36.68
C ALA A 667 13.89 8.10 38.15
N PHE A 668 15.00 8.23 38.88
CA PHE A 668 15.00 7.88 40.30
C PHE A 668 14.20 8.89 41.12
N ARG A 669 14.24 10.16 40.73
CA ARG A 669 13.46 11.17 41.44
C ARG A 669 11.96 10.96 41.26
N ASN A 670 11.54 10.50 40.07
CA ASN A 670 10.14 10.33 39.75
C ASN A 670 9.61 8.94 40.09
N ALA A 671 10.47 8.05 40.56
CA ALA A 671 10.07 6.66 40.76
C ALA A 671 9.15 6.54 41.98
N PRO A 672 8.15 5.66 41.91
CA PRO A 672 7.25 5.42 43.07
C PRO A 672 7.97 4.64 44.14
N PRO A 673 7.48 4.64 45.38
CA PRO A 673 8.10 3.82 46.44
C PRO A 673 8.34 2.36 46.04
N ASP A 674 7.47 1.75 45.24
CA ASP A 674 7.70 0.33 44.99
C ASP A 674 8.83 0.04 44.00
N ALA A 675 9.43 1.08 43.39
CA ALA A 675 10.62 0.86 42.58
C ALA A 675 11.84 0.64 43.45
N PHE A 676 11.71 0.83 44.78
CA PHE A 676 12.81 0.71 45.72
C PHE A 676 12.57 -0.29 46.84
N GLU A 677 11.34 -0.76 47.06
CA GLU A 677 11.01 -1.55 48.24
C GLU A 677 11.75 -2.90 48.22
N GLY A 678 11.83 -3.53 49.39
CA GLY A 678 12.43 -4.84 49.48
C GLY A 678 13.94 -4.93 49.37
N ASN A 679 14.67 -3.84 49.65
CA ASN A 679 16.12 -3.81 49.54
C ASN A 679 16.75 -3.79 50.93
N LYS A 680 18.09 -3.77 50.97
CA LYS A 680 18.72 -3.97 52.27
C LYS A 680 18.81 -2.67 53.08
N ASP A 681 19.53 -1.66 52.59
CA ASP A 681 19.67 -0.42 53.34
C ASP A 681 19.61 0.81 52.45
N LEU A 682 18.70 0.86 51.49
CA LEU A 682 18.58 2.06 50.67
C LEU A 682 18.12 3.23 51.53
N CYS A 683 18.63 4.42 51.23
CA CYS A 683 18.24 5.61 51.98
C CYS A 683 17.96 6.74 51.01
N GLY A 684 17.06 7.65 51.38
CA GLY A 684 16.70 8.69 50.44
C GLY A 684 16.87 10.12 50.90
N SER A 685 16.34 11.07 50.12
CA SER A 685 16.31 12.47 50.53
C SER A 685 14.97 13.12 50.21
N GLN A 690 11.08 7.48 47.00
CA GLN A 690 10.34 7.67 48.24
C GLN A 690 10.19 6.34 49.00
N GLY A 691 9.56 6.41 50.16
CA GLY A 691 9.42 5.27 51.02
C GLY A 691 10.67 4.84 51.76
N LEU A 692 11.72 5.65 51.76
CA LEU A 692 13.00 5.28 52.29
C LEU A 692 13.34 6.10 53.52
N LYS A 693 14.06 5.49 54.44
CA LYS A 693 14.61 6.23 55.55
C LYS A 693 15.63 7.24 55.01
N PRO A 694 15.70 8.45 55.57
CA PRO A 694 16.64 9.43 55.04
C PRO A 694 18.07 8.99 55.29
N CYS A 695 18.96 9.41 54.38
CA CYS A 695 20.38 9.12 54.60
C CYS A 695 20.91 9.96 55.75
N SER A 696 21.95 9.44 56.40
CA SER A 696 22.63 10.10 57.50
C SER A 696 23.06 11.52 57.15
C1 NAG B . -6.15 30.80 -13.29
C2 NAG B . -7.00 31.56 -12.27
C3 NAG B . -6.76 33.05 -12.38
C4 NAG B . -5.28 33.36 -12.21
C5 NAG B . -4.46 32.53 -13.21
C6 NAG B . -2.97 32.68 -12.99
C7 NAG B . -9.09 30.59 -11.50
C8 NAG B . -10.54 30.40 -11.75
N2 NAG B . -8.42 31.29 -12.41
O3 NAG B . -7.56 33.75 -11.41
O4 NAG B . -5.08 34.71 -12.61
O5 NAG B . -4.77 31.13 -13.11
O6 NAG B . -2.60 32.40 -11.64
O7 NAG B . -8.53 30.11 -10.52
C1 NAG B . -5.24 35.63 -11.54
C2 NAG B . -4.37 36.81 -11.91
C3 NAG B . -4.48 37.87 -10.82
C4 NAG B . -5.93 38.24 -10.57
C5 NAG B . -6.79 37.00 -10.33
C6 NAG B . -8.27 37.30 -10.29
C7 NAG B . -2.47 36.25 -13.36
C8 NAG B . -1.03 35.81 -13.40
N2 NAG B . -3.00 36.41 -12.13
O3 NAG B . -3.71 39.02 -11.19
O4 NAG B . -6.05 39.11 -9.45
O5 NAG B . -6.61 36.05 -11.38
O6 NAG B . -8.94 36.86 -11.47
O7 NAG B . -3.11 36.47 -14.38
C1 NAG C . -3.77 27.10 -48.43
C2 NAG C . -4.67 26.32 -49.35
C3 NAG C . -5.08 27.17 -50.56
C4 NAG C . -5.65 28.52 -50.13
C5 NAG C . -4.70 29.19 -49.15
C6 NAG C . -5.28 30.46 -48.56
C7 NAG C . -4.20 23.92 -49.32
C8 NAG C . -3.37 22.81 -49.90
N2 NAG C . -3.97 25.13 -49.81
O3 NAG C . -6.05 26.45 -51.31
O4 NAG C . -5.79 29.36 -51.27
O5 NAG C . -4.43 28.32 -48.04
O6 NAG C . -6.54 30.18 -47.96
O7 NAG C . -5.02 23.73 -48.43
C1 NAG C . -7.14 29.78 -51.56
C2 NAG C . -7.08 31.08 -52.44
C3 NAG C . -8.33 31.29 -53.36
C4 NAG C . -9.10 30.03 -53.71
C5 NAG C . -9.16 29.17 -52.47
C6 NAG C . -10.00 27.92 -52.61
C7 NAG C . -5.73 32.92 -51.55
C8 NAG C . -5.72 34.11 -50.64
N2 NAG C . -6.89 32.24 -51.61
O3 NAG C . -7.90 31.93 -54.56
O4 NAG C . -10.42 30.35 -54.15
O5 NAG C . -7.82 28.78 -52.21
O6 NAG C . -10.72 27.71 -51.40
O7 NAG C . -4.75 32.56 -52.18
C1 NAG D . -17.29 -25.19 -8.72
C2 NAG D . -18.76 -25.49 -8.36
C3 NAG D . -19.36 -26.56 -9.30
C4 NAG D . -19.07 -26.24 -10.76
C5 NAG D . -17.61 -25.90 -10.98
C6 NAG D . -17.37 -25.36 -12.37
C7 NAG D . -19.31 -25.08 -6.01
C8 NAG D . -19.39 -25.66 -4.63
N2 NAG D . -18.88 -25.90 -6.97
O3 NAG D . -20.76 -26.58 -9.13
O4 NAG D . -19.38 -27.36 -11.59
O5 NAG D . -17.21 -24.85 -10.07
O6 NAG D . -16.01 -24.97 -12.51
O7 NAG D . -19.63 -23.92 -6.26
C1 NAG D . -20.38 -27.03 -12.58
C2 NAG D . -20.35 -28.13 -13.65
C3 NAG D . -21.40 -27.87 -14.71
C4 NAG D . -22.78 -27.70 -14.09
C5 NAG D . -22.74 -26.63 -13.00
C6 NAG D . -24.03 -26.54 -12.21
C7 NAG D . -18.13 -29.15 -13.83
C8 NAG D . -16.80 -29.13 -14.54
N2 NAG D . -19.02 -28.25 -14.24
O3 NAG D . -21.41 -28.96 -15.63
O4 NAG D . -23.73 -27.37 -15.09
O5 NAG D . -21.71 -26.92 -12.04
O6 NAG D . -24.36 -25.20 -11.91
O7 NAG D . -18.38 -29.95 -12.91
C1 NAG E . -16.91 -8.38 14.15
C2 NAG E . -16.72 -8.30 15.66
C3 NAG E . -16.25 -6.89 16.08
C4 NAG E . -15.02 -6.46 15.29
C5 NAG E . -15.29 -6.60 13.80
C6 NAG E . -14.10 -6.28 12.92
C7 NAG E . -17.89 -9.65 17.31
C8 NAG E . -19.17 -9.96 18.02
N2 NAG E . -17.93 -8.68 16.39
O3 NAG E . -15.89 -6.99 17.45
O4 NAG E . -14.67 -5.12 15.57
O5 NAG E . -15.69 -7.95 13.48
O6 NAG E . -13.15 -7.33 12.92
O7 NAG E . -16.84 -10.25 17.58
C1 NAG E . -13.38 -4.93 16.25
C2 NAG E . -12.90 -3.46 16.10
C3 NAG E . -11.66 -3.18 16.97
C4 NAG E . -11.85 -3.67 18.40
C5 NAG E . -12.26 -5.13 18.38
C6 NAG E . -12.51 -5.69 19.76
C7 NAG E . -13.32 -2.49 13.86
C8 NAG E . -12.76 -2.29 12.48
N2 NAG E . -12.56 -3.18 14.70
O3 NAG E . -11.38 -1.78 16.97
O4 NAG E . -10.63 -3.51 19.12
O5 NAG E . -13.49 -5.26 17.64
O6 NAG E . -13.67 -5.10 20.34
O7 NAG E . -14.44 -2.06 14.19
C1 NAG F . 0.40 -12.22 -3.05
C2 NAG F . 0.40 -11.51 -4.41
C3 NAG F . 1.84 -11.22 -4.85
C4 NAG F . 2.62 -10.42 -3.80
C5 NAG F . 2.50 -11.05 -2.40
C6 NAG F . 2.98 -10.11 -1.31
C7 NAG F . -1.20 -11.71 -6.29
C8 NAG F . -1.78 -12.61 -7.36
N2 NAG F . -0.29 -12.27 -5.46
O3 NAG F . 1.83 -10.52 -6.10
O4 NAG F . 4.00 -10.45 -4.15
O5 NAG F . 1.15 -11.41 -2.06
O6 NAG F . 3.66 -10.84 -0.31
O7 NAG F . -1.58 -10.55 -6.16
C1 NAG F . 4.72 -9.20 -4.28
C2 NAG F . 6.22 -9.55 -4.30
C3 NAG F . 7.08 -8.32 -4.63
C4 NAG F . 6.59 -7.62 -5.89
C5 NAG F . 5.11 -7.29 -5.75
C6 NAG F . 4.52 -6.70 -7.02
C7 NAG F . 6.92 -11.43 -2.92
C8 NAG F . 7.38 -11.89 -1.56
N2 NAG F . 6.63 -10.14 -3.04
O3 NAG F . 8.43 -8.73 -4.83
O4 NAG F . 7.35 -6.42 -6.10
O5 NAG F . 4.36 -8.48 -5.48
O6 NAG F . 3.33 -6.01 -6.73
O7 NAG F . 6.82 -12.21 -3.85
C1 NAG G . 9.43 -8.36 29.61
C2 NAG G . 8.54 -7.11 29.71
C3 NAG G . 7.50 -7.26 30.84
C4 NAG G . 6.76 -8.59 30.73
C5 NAG G . 7.75 -9.77 30.56
C6 NAG G . 7.04 -11.09 30.30
C7 NAG G . 9.20 -4.83 29.12
C8 NAG G . 10.04 -3.64 29.51
N2 NAG G . 9.31 -5.91 29.92
O3 NAG G . 6.59 -6.17 30.76
O4 NAG G . 6.11 -8.88 31.96
O5 NAG G . 8.61 -9.53 29.44
O6 NAG G . 7.92 -12.18 30.16
O7 NAG G . 8.50 -4.84 28.11
C1 NAG G . 4.94 -8.14 32.34
C2 NAG G . 3.91 -9.15 32.85
C3 NAG G . 2.68 -8.43 33.41
C4 NAG G . 3.10 -7.46 34.51
C5 NAG G . 4.18 -6.49 33.97
C6 NAG G . 4.80 -5.65 35.06
C7 NAG G . 3.72 -11.39 31.86
C8 NAG G . 3.23 -12.15 30.69
N2 NAG G . 3.52 -10.07 31.80
O3 NAG G . 1.79 -9.41 33.93
O4 NAG G . 1.99 -6.72 34.97
O5 NAG G . 5.26 -7.23 33.37
O6 NAG G . 6.09 -6.14 35.43
O7 NAG G . 4.27 -11.93 32.83
C1 NAG H . 4.56 13.63 -34.59
C2 NAG H . 3.29 12.76 -34.82
C3 NAG H . 3.26 11.57 -33.84
C4 NAG H . 4.56 10.78 -33.93
C5 NAG H . 5.73 11.70 -33.63
C6 NAG H . 7.07 11.00 -33.69
C7 NAG H . 1.46 14.13 -35.77
C8 NAG H . 0.17 14.91 -35.47
N2 NAG H . 2.06 13.54 -34.72
O3 NAG H . 2.14 10.73 -34.16
O4 NAG H . 4.57 9.71 -33.00
O5 NAG H . 5.76 12.76 -34.60
O6 NAG H . 7.38 10.65 -35.03
O7 NAG H . 1.93 14.06 -36.91
C1 NAG I . -3.97 -15.74 23.36
C2 NAG I . -4.72 -16.48 24.49
C3 NAG I . -6.08 -15.78 24.73
C4 NAG I . -5.95 -14.26 24.82
C5 NAG I . -5.17 -13.75 23.61
C6 NAG I . -4.95 -12.26 23.55
C7 NAG I . -5.56 -18.74 24.93
C8 NAG I . -5.71 -20.14 24.40
N2 NAG I . -4.92 -17.87 24.14
O3 NAG I . -6.74 -16.29 25.88
O4 NAG I . -7.25 -13.67 24.85
O5 NAG I . -3.87 -14.34 23.67
O6 NAG I . -3.97 -12.00 22.56
O7 NAG I . -5.98 -18.42 26.03
C1 NAG J . -26.47 21.33 -27.47
C2 NAG J . -27.74 21.39 -28.31
C3 NAG J . -28.51 22.67 -27.98
C4 NAG J . -28.80 22.72 -26.48
C5 NAG J . -27.51 22.52 -25.68
C6 NAG J . -27.72 22.41 -24.19
C7 NAG J . -28.28 21.37 -30.73
C8 NAG J . -27.71 21.22 -32.11
N2 NAG J . -27.40 21.30 -29.73
O3 NAG J . -29.71 22.78 -28.73
O4 NAG J . -29.41 23.95 -26.13
O5 NAG J . -26.83 21.32 -26.09
O6 NAG J . -26.46 22.32 -23.55
O7 NAG J . -29.48 21.56 -30.56
C1 NAG K . -28.47 0.98 4.51
C2 NAG K . -29.26 0.63 5.76
C3 NAG K . -30.72 0.98 5.54
C4 NAG K . -30.83 2.48 5.38
C5 NAG K . -29.88 3.01 4.27
C6 NAG K . -29.65 4.50 4.41
C7 NAG K . -29.32 -1.90 5.73
C8 NAG K . -29.93 -1.91 4.34
N2 NAG K . -29.06 -0.71 6.30
O3 NAG K . -31.53 0.52 6.63
O4 NAG K . -32.17 2.86 5.06
O5 NAG K . -28.56 2.40 4.28
O6 NAG K . -28.77 5.00 3.42
O7 NAG K . -29.07 -2.95 6.31
C1 NAG L . 17.25 30.04 -20.17
C2 NAG L . 16.07 30.84 -19.63
C3 NAG L . 16.26 31.12 -18.14
C4 NAG L . 16.41 29.81 -17.37
C5 NAG L . 17.32 28.76 -18.05
C6 NAG L . 16.89 27.35 -17.72
C7 NAG L . 15.70 33.36 -20.32
C8 NAG L . 16.26 33.96 -19.06
N2 NAG L . 15.69 32.00 -20.46
O3 NAG L . 15.14 31.81 -17.60
O4 NAG L . 16.94 30.05 -16.08
O5 NAG L . 17.31 28.81 -19.48
O6 NAG L . 16.53 26.62 -18.88
O7 NAG L . 15.29 34.07 -21.23
#